data_8R4H
#
_entry.id   8R4H
#
_cell.length_a   169.273
_cell.length_b   169.273
_cell.length_c   90.387
_cell.angle_alpha   90.00
_cell.angle_beta   90.00
_cell.angle_gamma   120.00
#
_symmetry.space_group_name_H-M   'H 3'
#
loop_
_entity.id
_entity.type
_entity.pdbx_description
1 polymer 'Copper efflux oxidase,Multicopper oxidase'
2 non-polymer 'COPPER (II) ION'
3 non-polymer 1,2-ETHANEDIOL
4 water water
#
_entity_poly.entity_id   1
_entity_poly.type   'polypeptide(L)'
_entity_poly.pdbx_seq_one_letter_code
;AEHPTLPIPALLTPDAAGKIALNVQTGSMKWKAGMQTPTWGINGPLLGPAMRLQRGKDVAINVTNALPEATTMHWHGMEI
PGTSDGGPQAVIEPGKMWTAEIKVDQPATTAWFHPHTHGLTGRQVAMGLGGLIIIDDEESTKLPLPKEWGVDDVPVILQD
KRLDAKGHIDYQLDIITAAVGWFGDMMLTNGTVYPQHLAPRGWLRLRFLNGCNARSLNLATSDGRPLYVVGSDGGLLGEP
VKLTELPILMGERFEVLVDTRDGKAFDIITLPVKQMGMTLPPFDRALPVLHIQPTLKSNEAKLPDALVNMPAVPAADNVK
TRWLQLMMDGGGNKINGIAFDMAKPMFDVKRGTYEKWTISGEGDMMLHPFHIHGTQFRILSENGKPPAAHRSGWKDTVRV
EGWRSEVLVKFDHEAPKERAYMAHCHLLEHEDTGMMMSFTVSSAWSHPQFEK
;
_entity_poly.pdbx_strand_id   A,B
#
# COMPACT_ATOMS: atom_id res chain seq x y z
N ALA A 1 -22.95 -20.64 14.08
CA ALA A 1 -23.05 -21.51 15.24
C ALA A 1 -21.79 -21.50 16.18
N GLU A 2 -20.58 -21.82 15.63
CA GLU A 2 -19.28 -21.92 16.32
C GLU A 2 -18.60 -20.57 16.54
N HIS A 3 -19.21 -19.72 17.35
CA HIS A 3 -18.73 -18.35 17.55
C HIS A 3 -18.88 -17.90 19.00
N PRO A 4 -18.03 -16.94 19.43
CA PRO A 4 -18.11 -16.49 20.83
C PRO A 4 -19.30 -15.58 21.13
N THR A 5 -19.40 -15.10 22.37
CA THR A 5 -20.44 -14.16 22.76
C THR A 5 -19.79 -12.78 22.85
N LEU A 6 -20.44 -11.75 22.30
CA LEU A 6 -19.91 -10.38 22.35
C LEU A 6 -19.74 -9.90 23.78
N PRO A 7 -18.49 -9.57 24.18
CA PRO A 7 -18.27 -9.06 25.53
C PRO A 7 -18.80 -7.64 25.71
N ILE A 8 -19.40 -7.35 26.87
CA ILE A 8 -19.89 -6.01 27.15
C ILE A 8 -18.97 -5.35 28.17
N PRO A 9 -18.32 -4.24 27.80
CA PRO A 9 -17.45 -3.54 28.76
C PRO A 9 -18.29 -2.99 29.89
N ALA A 10 -17.84 -3.17 31.12
CA ALA A 10 -18.54 -2.73 32.33
C ALA A 10 -18.87 -1.24 32.28
N LEU A 11 -20.02 -0.85 32.82
CA LEU A 11 -20.44 0.53 32.82
C LEU A 11 -20.10 1.20 34.16
N LEU A 12 -18.86 1.72 34.29
CA LEU A 12 -18.44 2.34 35.55
C LEU A 12 -18.96 3.74 35.76
N THR A 13 -19.53 4.00 36.94
CA THR A 13 -20.01 5.33 37.28
C THR A 13 -19.12 5.92 38.37
N PRO A 14 -19.00 7.25 38.45
CA PRO A 14 -18.15 7.85 39.51
C PRO A 14 -18.63 7.45 40.90
N ASP A 15 -17.70 7.07 41.79
CA ASP A 15 -18.04 6.60 43.12
C ASP A 15 -18.46 7.76 44.08
N ALA A 16 -18.66 7.46 45.38
CA ALA A 16 -19.04 8.40 46.43
C ALA A 16 -18.11 9.60 46.53
N ALA A 17 -16.83 9.41 46.18
CA ALA A 17 -15.84 10.49 46.16
C ALA A 17 -15.77 11.24 44.81
N GLY A 18 -16.68 10.94 43.88
CA GLY A 18 -16.70 11.51 42.54
C GLY A 18 -15.48 11.10 41.74
N LYS A 19 -15.00 9.87 41.96
CA LYS A 19 -13.80 9.38 41.29
C LYS A 19 -14.03 8.09 40.50
N ILE A 20 -13.20 7.84 39.49
CA ILE A 20 -13.23 6.61 38.70
C ILE A 20 -11.80 6.07 38.64
N ALA A 21 -11.61 4.79 38.99
CA ALA A 21 -10.28 4.19 39.00
C ALA A 21 -10.05 3.36 37.73
N LEU A 22 -8.94 3.65 37.01
CA LEU A 22 -8.55 2.91 35.82
C LEU A 22 -7.16 2.32 36.03
N ASN A 23 -7.05 1.00 36.04
CA ASN A 23 -5.78 0.34 36.20
C ASN A 23 -5.34 -0.21 34.85
N VAL A 24 -4.37 0.46 34.23
CA VAL A 24 -3.81 0.06 32.94
C VAL A 24 -2.88 -1.10 33.23
N GLN A 25 -3.27 -2.32 32.89
CA GLN A 25 -2.50 -3.50 33.22
C GLN A 25 -2.24 -4.43 32.01
N THR A 26 -1.39 -5.45 32.21
CA THR A 26 -1.09 -6.45 31.20
C THR A 26 -2.12 -7.62 31.28
N GLY A 27 -2.10 -8.50 30.30
CA GLY A 27 -3.00 -9.65 30.25
C GLY A 27 -2.74 -10.52 29.04
N SER A 28 -3.70 -11.36 28.69
CA SER A 28 -3.59 -12.21 27.51
C SER A 28 -4.95 -12.55 26.91
N MET A 29 -4.96 -12.86 25.61
CA MET A 29 -6.21 -13.21 24.91
C MET A 29 -5.93 -14.42 24.06
N LYS A 30 -6.87 -15.38 24.02
CA LYS A 30 -6.66 -16.59 23.22
C LYS A 30 -7.26 -16.49 21.84
N TRP A 31 -6.47 -16.06 20.84
CA TRP A 31 -6.92 -15.94 19.46
C TRP A 31 -6.42 -17.12 18.62
N LYS A 32 -5.08 -17.33 18.57
CA LYS A 32 -4.50 -18.46 17.85
C LYS A 32 -4.73 -19.71 18.71
N ALA A 33 -5.14 -20.83 18.08
CA ALA A 33 -5.43 -22.06 18.82
C ALA A 33 -4.24 -22.54 19.66
N GLY A 34 -4.47 -22.67 20.96
CA GLY A 34 -3.45 -23.08 21.91
C GLY A 34 -2.30 -22.09 22.04
N MET A 35 -2.62 -20.80 22.03
CA MET A 35 -1.62 -19.74 22.11
C MET A 35 -2.19 -18.51 22.79
N GLN A 36 -1.76 -18.24 24.03
CA GLN A 36 -2.20 -17.05 24.75
C GLN A 36 -1.41 -15.85 24.23
N THR A 37 -2.09 -14.86 23.65
CA THR A 37 -1.41 -13.67 23.13
C THR A 37 -1.27 -12.63 24.22
N PRO A 38 -0.05 -12.20 24.53
CA PRO A 38 0.13 -11.14 25.53
C PRO A 38 -0.47 -9.83 25.02
N THR A 39 -1.40 -9.26 25.78
CA THR A 39 -2.11 -8.02 25.44
C THR A 39 -2.09 -7.03 26.62
N TRP A 40 -2.54 -5.80 26.39
CA TRP A 40 -2.65 -4.76 27.41
C TRP A 40 -4.14 -4.37 27.53
N GLY A 41 -4.54 -3.83 28.68
CA GLY A 41 -5.92 -3.43 28.90
C GLY A 41 -6.18 -2.63 30.15
N ILE A 42 -7.26 -1.86 30.14
CA ILE A 42 -7.66 -1.09 31.31
C ILE A 42 -8.70 -1.90 32.10
N ASN A 43 -8.33 -2.32 33.30
CA ASN A 43 -9.16 -3.14 34.18
C ASN A 43 -9.43 -4.56 33.63
N GLY A 44 -8.63 -5.01 32.67
CA GLY A 44 -8.78 -6.33 32.08
C GLY A 44 -7.63 -6.70 31.17
N PRO A 45 -7.75 -7.81 30.43
CA PRO A 45 -6.66 -8.23 29.55
C PRO A 45 -6.55 -7.45 28.24
N LEU A 46 -7.63 -6.77 27.84
CA LEU A 46 -7.73 -6.01 26.62
C LEU A 46 -8.87 -5.01 26.73
N LEU A 47 -8.79 -3.92 25.94
CA LEU A 47 -9.75 -2.82 25.89
C LEU A 47 -10.00 -2.25 27.31
N GLY A 48 -11.21 -1.81 27.65
CA GLY A 48 -11.46 -1.22 28.97
C GLY A 48 -12.91 -1.03 29.28
N PRO A 49 -13.20 -0.30 30.36
CA PRO A 49 -14.60 -0.09 30.73
C PRO A 49 -15.27 1.07 29.98
N ALA A 50 -16.58 1.20 30.15
CA ALA A 50 -17.34 2.28 29.58
C ALA A 50 -17.65 3.21 30.76
N MET A 51 -17.00 4.38 30.84
CA MET A 51 -17.26 5.31 31.93
C MET A 51 -18.54 6.08 31.62
N ARG A 52 -19.58 5.90 32.45
CA ARG A 52 -20.83 6.62 32.24
C ARG A 52 -20.76 7.90 33.05
N LEU A 53 -20.77 9.03 32.34
CA LEU A 53 -20.67 10.35 32.95
C LEU A 53 -21.88 11.19 32.62
N GLN A 54 -22.32 12.01 33.56
CA GLN A 54 -23.48 12.86 33.36
C GLN A 54 -23.03 14.28 33.02
N ARG A 55 -23.72 14.95 32.08
CA ARG A 55 -23.37 16.32 31.70
C ARG A 55 -23.61 17.23 32.87
N GLY A 56 -22.60 18.04 33.20
CA GLY A 56 -22.68 18.95 34.33
C GLY A 56 -21.91 18.40 35.51
N LYS A 57 -22.00 17.08 35.73
CA LYS A 57 -21.31 16.46 36.85
C LYS A 57 -19.79 16.35 36.63
N ASP A 58 -19.05 16.36 37.73
CA ASP A 58 -17.59 16.28 37.70
C ASP A 58 -17.11 14.87 37.99
N VAL A 59 -15.85 14.58 37.64
CA VAL A 59 -15.23 13.30 37.90
C VAL A 59 -13.71 13.46 37.94
N ALA A 60 -13.05 12.67 38.78
CA ALA A 60 -11.61 12.66 38.87
C ALA A 60 -11.23 11.26 38.45
N ILE A 61 -10.42 11.13 37.38
CA ILE A 61 -10.07 9.79 36.90
C ILE A 61 -8.65 9.42 37.29
N ASN A 62 -8.55 8.49 38.24
CA ASN A 62 -7.30 8.01 38.77
C ASN A 62 -6.72 6.91 37.90
N VAL A 63 -5.91 7.30 36.92
CA VAL A 63 -5.29 6.37 35.98
C VAL A 63 -3.97 5.86 36.53
N THR A 64 -3.93 4.57 36.89
CA THR A 64 -2.74 3.93 37.45
C THR A 64 -2.05 3.16 36.34
N ASN A 65 -0.74 3.36 36.16
CA ASN A 65 0.01 2.63 35.15
C ASN A 65 0.61 1.42 35.82
N ALA A 66 0.17 0.23 35.43
CA ALA A 66 0.73 -1.03 35.92
C ALA A 66 1.47 -1.79 34.81
N LEU A 67 1.85 -1.11 33.72
CA LEU A 67 2.58 -1.68 32.61
C LEU A 67 4.08 -1.55 32.87
N PRO A 68 4.92 -2.35 32.20
CA PRO A 68 6.37 -2.20 32.37
C PRO A 68 6.94 -0.89 31.78
N GLU A 69 6.15 -0.17 30.95
CA GLU A 69 6.63 1.06 30.34
C GLU A 69 5.64 2.21 30.43
N ALA A 70 6.14 3.45 30.26
CA ALA A 70 5.31 4.66 30.37
C ALA A 70 4.25 4.72 29.32
N THR A 71 3.13 5.33 29.68
CA THR A 71 1.97 5.51 28.82
C THR A 71 1.28 6.82 29.18
N THR A 72 0.35 7.27 28.34
CA THR A 72 -0.50 8.42 28.66
C THR A 72 -1.97 7.92 28.49
N MET A 73 -2.97 8.80 28.61
CA MET A 73 -4.37 8.39 28.42
C MET A 73 -5.19 9.56 27.93
N HIS A 74 -5.42 9.62 26.63
CA HIS A 74 -6.18 10.68 26.00
C HIS A 74 -7.67 10.38 26.08
N TRP A 75 -8.50 11.42 26.29
CA TRP A 75 -9.96 11.24 26.33
C TRP A 75 -10.54 11.79 25.03
N HIS A 76 -10.43 10.98 23.95
CA HIS A 76 -10.86 11.30 22.58
C HIS A 76 -12.33 11.76 22.49
N GLY A 77 -12.52 13.01 22.10
CA GLY A 77 -13.85 13.58 21.97
C GLY A 77 -14.28 14.48 23.11
N MET A 78 -13.53 14.50 24.21
CA MET A 78 -13.89 15.34 25.36
C MET A 78 -13.52 16.82 25.22
N GLU A 79 -14.47 17.69 25.56
CA GLU A 79 -14.28 19.14 25.52
C GLU A 79 -13.83 19.54 26.92
N ILE A 80 -12.57 19.30 27.19
CA ILE A 80 -11.94 19.54 28.48
C ILE A 80 -10.67 20.39 28.30
N PRO A 81 -10.17 21.04 29.37
CA PRO A 81 -8.92 21.80 29.25
C PRO A 81 -7.73 20.89 28.95
N GLY A 82 -6.73 21.44 28.26
CA GLY A 82 -5.52 20.72 27.89
C GLY A 82 -4.78 20.08 29.05
N THR A 83 -4.97 20.64 30.24
CA THR A 83 -4.37 20.14 31.48
C THR A 83 -4.93 18.77 31.88
N SER A 84 -6.12 18.40 31.37
CA SER A 84 -6.78 17.12 31.68
C SER A 84 -6.87 16.18 30.46
N ASP A 85 -6.45 16.64 29.26
CA ASP A 85 -6.55 15.88 28.00
C ASP A 85 -5.82 14.56 27.98
N GLY A 86 -4.65 14.51 28.62
CA GLY A 86 -3.84 13.30 28.67
C GLY A 86 -3.08 13.02 27.40
N GLY A 87 -2.55 14.06 26.78
CA GLY A 87 -1.76 13.94 25.56
C GLY A 87 -0.37 13.40 25.80
N PRO A 88 0.55 13.58 24.84
CA PRO A 88 1.91 13.04 25.02
C PRO A 88 2.74 13.74 26.09
N GLN A 89 2.25 14.84 26.67
CA GLN A 89 2.97 15.54 27.73
C GLN A 89 2.59 14.99 29.12
N ALA A 90 1.35 14.51 29.28
CA ALA A 90 0.88 13.94 30.55
C ALA A 90 1.36 12.49 30.65
N VAL A 91 2.65 12.29 30.88
CA VAL A 91 3.23 10.96 30.95
C VAL A 91 3.07 10.30 32.30
N ILE A 92 2.44 9.13 32.31
CA ILE A 92 2.22 8.32 33.51
C ILE A 92 3.32 7.28 33.50
N GLU A 93 4.32 7.44 34.37
CA GLU A 93 5.42 6.46 34.44
C GLU A 93 4.95 5.13 35.06
N PRO A 94 5.61 3.99 34.76
CA PRO A 94 5.17 2.71 35.36
C PRO A 94 5.14 2.75 36.88
N GLY A 95 4.07 2.21 37.46
CA GLY A 95 3.88 2.21 38.90
C GLY A 95 3.30 3.50 39.46
N LYS A 96 3.11 4.51 38.62
CA LYS A 96 2.59 5.81 39.06
C LYS A 96 1.12 6.02 38.69
N MET A 97 0.48 7.03 39.28
CA MET A 97 -0.91 7.32 39.01
C MET A 97 -1.14 8.80 38.71
N TRP A 98 -1.79 9.07 37.58
CA TRP A 98 -2.12 10.42 37.16
C TRP A 98 -3.62 10.62 37.29
N THR A 99 -4.03 11.77 37.78
CA THR A 99 -5.44 12.08 37.92
C THR A 99 -5.87 13.11 36.89
N ALA A 100 -7.03 12.90 36.26
CA ALA A 100 -7.57 13.83 35.28
C ALA A 100 -8.89 14.36 35.78
N GLU A 101 -8.93 15.66 36.12
CA GLU A 101 -10.18 16.25 36.58
C GLU A 101 -11.00 16.67 35.35
N ILE A 102 -12.21 16.12 35.24
CA ILE A 102 -13.06 16.38 34.09
C ILE A 102 -14.44 16.87 34.53
N LYS A 103 -14.87 18.00 33.96
CA LYS A 103 -16.21 18.51 34.22
C LYS A 103 -16.93 18.40 32.90
N VAL A 104 -17.86 17.44 32.78
CA VAL A 104 -18.59 17.19 31.55
C VAL A 104 -19.39 18.43 31.13
N ASP A 105 -19.15 18.95 29.92
CA ASP A 105 -19.82 20.15 29.45
C ASP A 105 -20.05 20.07 27.94
N GLN A 106 -20.67 18.98 27.50
CA GLN A 106 -20.92 18.71 26.08
C GLN A 106 -22.12 17.76 25.93
N PRO A 107 -22.75 17.69 24.74
CA PRO A 107 -23.91 16.81 24.59
C PRO A 107 -23.60 15.32 24.79
N ALA A 108 -24.66 14.51 24.95
CA ALA A 108 -24.58 13.08 25.17
C ALA A 108 -23.99 12.40 23.96
N THR A 109 -22.98 11.55 24.16
CA THR A 109 -22.28 10.88 23.06
C THR A 109 -21.58 9.57 23.50
N THR A 110 -20.97 8.85 22.53
CA THR A 110 -20.10 7.74 22.75
C THR A 110 -18.73 8.31 22.41
N ALA A 111 -18.02 8.85 23.39
CA ALA A 111 -16.65 9.31 23.20
C ALA A 111 -15.76 8.08 23.58
N TRP A 112 -14.42 8.18 23.45
CA TRP A 112 -13.57 7.04 23.83
C TRP A 112 -12.23 7.48 24.42
N PHE A 113 -11.48 6.53 24.95
CA PHE A 113 -10.19 6.84 25.52
C PHE A 113 -9.15 5.84 25.10
N HIS A 114 -7.94 6.32 24.90
CA HIS A 114 -6.82 5.49 24.48
C HIS A 114 -5.52 6.24 24.76
N PRO A 115 -4.39 5.53 24.90
CA PRO A 115 -3.11 6.25 25.12
C PRO A 115 -2.76 7.20 23.98
N HIS A 116 -1.94 8.21 24.29
CA HIS A 116 -1.47 9.18 23.31
C HIS A 116 0.06 9.38 23.45
N THR A 117 0.77 8.34 23.89
CA THR A 117 2.20 8.30 24.14
C THR A 117 3.00 8.79 22.93
N HIS A 118 3.96 9.69 23.17
CA HIS A 118 4.79 10.27 22.12
C HIS A 118 5.47 9.23 21.25
N GLY A 119 5.15 9.23 19.96
CA GLY A 119 5.68 8.29 18.98
C GLY A 119 5.41 6.81 19.29
N LEU A 120 4.48 6.53 20.20
CA LEU A 120 4.18 5.16 20.57
C LEU A 120 2.70 4.82 20.62
N THR A 121 1.81 5.81 20.36
CA THR A 121 0.34 5.69 20.33
C THR A 121 -0.16 4.43 19.62
N GLY A 122 0.30 4.21 18.38
CA GLY A 122 -0.09 3.06 17.58
C GLY A 122 0.25 1.74 18.23
N ARG A 123 1.48 1.61 18.73
CA ARG A 123 1.92 0.39 19.38
C ARG A 123 1.04 0.02 20.60
N GLN A 124 0.80 0.98 21.51
CA GLN A 124 0.01 0.80 22.72
C GLN A 124 -1.47 0.55 22.44
N VAL A 125 -2.05 1.23 21.43
CA VAL A 125 -3.45 0.99 21.04
C VAL A 125 -3.56 -0.42 20.46
N ALA A 126 -2.58 -0.83 19.61
CA ALA A 126 -2.52 -2.17 19.05
C ALA A 126 -2.32 -3.22 20.15
N MET A 127 -1.59 -2.86 21.23
CA MET A 127 -1.38 -3.76 22.36
C MET A 127 -2.67 -4.14 23.05
N GLY A 128 -3.66 -3.26 23.02
CA GLY A 128 -4.95 -3.55 23.62
C GLY A 128 -5.57 -2.42 24.39
N LEU A 129 -4.83 -1.33 24.61
CA LEU A 129 -5.36 -0.19 25.33
C LEU A 129 -6.44 0.54 24.53
N GLY A 130 -7.54 0.80 25.20
CA GLY A 130 -8.72 1.44 24.65
C GLY A 130 -9.89 1.33 25.60
N GLY A 131 -10.84 2.24 25.50
CA GLY A 131 -12.03 2.23 26.34
C GLY A 131 -13.09 3.20 25.85
N LEU A 132 -14.24 3.22 26.52
CA LEU A 132 -15.35 4.08 26.13
C LEU A 132 -15.72 5.13 27.17
N ILE A 133 -16.41 6.18 26.74
CA ILE A 133 -16.94 7.24 27.58
C ILE A 133 -18.39 7.46 27.11
N ILE A 134 -19.37 7.08 27.93
CA ILE A 134 -20.77 7.28 27.60
C ILE A 134 -21.24 8.52 28.32
N ILE A 135 -21.52 9.60 27.57
CA ILE A 135 -22.00 10.83 28.18
C ILE A 135 -23.53 10.85 28.13
N ASP A 136 -24.16 11.28 29.22
CA ASP A 136 -25.60 11.36 29.38
C ASP A 136 -26.06 12.78 29.63
N ASP A 137 -27.20 13.16 29.09
CA ASP A 137 -27.79 14.47 29.38
C ASP A 137 -29.34 14.34 29.48
N GLU A 138 -30.01 15.35 30.03
CA GLU A 138 -31.46 15.31 30.18
C GLU A 138 -32.16 15.22 28.82
N GLU A 139 -31.68 16.02 27.85
CA GLU A 139 -32.27 16.06 26.50
C GLU A 139 -32.32 14.69 25.82
N SER A 140 -31.21 13.93 25.84
CA SER A 140 -31.09 12.61 25.23
C SER A 140 -31.91 11.57 25.97
N THR A 141 -31.97 11.69 27.30
CA THR A 141 -32.67 10.73 28.16
C THR A 141 -34.18 10.71 27.92
N LYS A 142 -34.76 11.86 27.53
CA LYS A 142 -36.18 11.97 27.23
C LYS A 142 -36.57 11.12 26.00
N LEU A 143 -35.66 11.02 25.01
CA LEU A 143 -35.86 10.27 23.79
C LEU A 143 -36.05 8.78 24.08
N PRO A 144 -36.92 8.09 23.33
CA PRO A 144 -37.16 6.66 23.61
C PRO A 144 -36.16 5.69 22.98
N LEU A 145 -34.89 6.07 22.92
CA LEU A 145 -33.83 5.24 22.35
C LEU A 145 -33.54 4.09 23.30
N PRO A 146 -33.08 2.92 22.79
CA PRO A 146 -32.73 1.82 23.71
C PRO A 146 -31.67 2.25 24.73
N LYS A 147 -31.92 1.98 26.02
CA LYS A 147 -31.04 2.40 27.11
C LYS A 147 -30.47 1.27 27.94
N GLU A 148 -30.93 0.03 27.73
CA GLU A 148 -30.43 -1.09 28.53
C GLU A 148 -29.05 -1.53 28.09
N TRP A 149 -28.03 -1.02 28.80
CA TRP A 149 -26.63 -1.31 28.52
C TRP A 149 -26.34 -2.80 28.41
N GLY A 150 -25.63 -3.19 27.37
CA GLY A 150 -25.29 -4.57 27.14
C GLY A 150 -26.42 -5.45 26.68
N VAL A 151 -27.65 -4.90 26.59
CA VAL A 151 -28.81 -5.66 26.14
C VAL A 151 -29.31 -5.06 24.82
N ASP A 152 -29.78 -3.80 24.84
CA ASP A 152 -30.24 -3.10 23.65
C ASP A 152 -29.44 -1.82 23.35
N ASP A 153 -28.51 -1.45 24.23
CA ASP A 153 -27.62 -0.30 24.04
C ASP A 153 -26.27 -0.97 24.09
N VAL A 154 -25.71 -1.28 22.92
CA VAL A 154 -24.50 -2.08 22.84
C VAL A 154 -23.31 -1.40 22.19
N PRO A 155 -22.15 -1.40 22.88
CA PRO A 155 -20.94 -0.86 22.27
C PRO A 155 -20.30 -1.86 21.30
N VAL A 156 -19.88 -1.39 20.12
CA VAL A 156 -19.22 -2.24 19.13
C VAL A 156 -17.90 -1.62 18.72
N ILE A 157 -16.81 -2.08 19.33
CA ILE A 157 -15.44 -1.62 19.06
C ILE A 157 -14.82 -2.54 18.04
N LEU A 158 -14.58 -2.01 16.85
CA LEU A 158 -14.02 -2.76 15.73
C LEU A 158 -12.58 -2.41 15.49
N GLN A 159 -11.68 -3.35 15.77
CA GLN A 159 -10.25 -3.17 15.58
C GLN A 159 -9.70 -4.39 14.87
N ASP A 160 -8.76 -4.19 13.95
CA ASP A 160 -8.09 -5.31 13.32
C ASP A 160 -6.70 -5.48 13.96
N LYS A 161 -6.18 -6.71 14.01
CA LYS A 161 -4.88 -6.98 14.61
C LYS A 161 -4.07 -7.97 13.79
N ARG A 162 -2.74 -7.88 13.88
CA ARG A 162 -1.84 -8.78 13.17
C ARG A 162 -1.04 -9.57 14.18
N LEU A 163 -1.00 -10.90 14.04
CA LEU A 163 -0.21 -11.74 14.95
C LEU A 163 0.91 -12.48 14.23
N ASP A 164 2.05 -12.66 14.90
CA ASP A 164 3.17 -13.41 14.32
C ASP A 164 2.92 -14.95 14.51
N ALA A 165 3.79 -15.80 13.94
CA ALA A 165 3.67 -17.26 14.05
C ALA A 165 3.59 -17.75 15.50
N LYS A 166 4.30 -17.09 16.44
CA LYS A 166 4.25 -17.48 17.86
C LYS A 166 3.00 -16.96 18.62
N GLY A 167 2.06 -16.33 17.89
CA GLY A 167 0.84 -15.80 18.47
C GLY A 167 0.92 -14.36 18.95
N HIS A 168 2.14 -13.86 19.18
CA HIS A 168 2.37 -12.50 19.68
C HIS A 168 1.86 -11.42 18.72
N ILE A 169 1.56 -10.22 19.25
CA ILE A 169 1.10 -9.12 18.41
C ILE A 169 2.28 -8.63 17.58
N ASP A 170 2.15 -8.74 16.26
CA ASP A 170 3.20 -8.35 15.33
C ASP A 170 3.14 -6.87 14.96
N TYR A 171 3.84 -6.04 15.72
CA TYR A 171 3.89 -4.62 15.45
C TYR A 171 5.34 -4.13 15.34
N GLN A 172 5.72 -3.71 14.12
CA GLN A 172 7.02 -3.14 13.83
C GLN A 172 6.77 -1.79 13.16
N LEU A 173 7.44 -0.72 13.61
CA LEU A 173 7.28 0.59 12.99
C LEU A 173 8.30 0.78 11.84
N ASP A 174 8.29 -0.15 10.87
CA ASP A 174 9.16 -0.06 9.71
C ASP A 174 8.60 0.98 8.70
N ILE A 175 9.31 1.25 7.57
CA ILE A 175 8.85 2.26 6.61
C ILE A 175 7.48 1.92 5.97
N ILE A 176 7.14 0.62 5.81
CA ILE A 176 5.86 0.25 5.23
C ILE A 176 4.72 0.58 6.19
N THR A 177 4.79 0.09 7.44
CA THR A 177 3.74 0.38 8.41
C THR A 177 3.69 1.87 8.77
N ALA A 178 4.81 2.60 8.66
CA ALA A 178 4.80 4.04 8.92
C ALA A 178 4.11 4.82 7.79
N ALA A 179 4.08 4.26 6.56
CA ALA A 179 3.48 4.92 5.42
C ALA A 179 2.04 4.47 5.13
N VAL A 180 1.76 3.15 5.04
CA VAL A 180 0.39 2.70 4.78
C VAL A 180 -0.41 2.55 6.09
N GLY A 181 0.28 2.13 7.13
CA GLY A 181 -0.33 1.93 8.44
C GLY A 181 -0.20 0.52 8.94
N TRP A 182 -0.68 0.28 10.17
CA TRP A 182 -0.65 -1.04 10.75
C TRP A 182 -2.02 -1.64 10.56
N PHE A 183 -2.05 -2.77 9.90
CA PHE A 183 -3.27 -3.52 9.67
C PHE A 183 -3.01 -5.03 9.93
N GLY A 184 -4.07 -5.83 9.97
CA GLY A 184 -3.93 -7.24 10.24
C GLY A 184 -4.89 -8.12 9.48
N ASP A 185 -4.66 -9.43 9.55
CA ASP A 185 -5.49 -10.44 8.92
C ASP A 185 -6.57 -10.98 9.90
N MET A 186 -6.80 -10.30 11.03
CA MET A 186 -7.75 -10.72 12.05
C MET A 186 -8.66 -9.57 12.45
N MET A 187 -9.98 -9.75 12.34
CA MET A 187 -10.92 -8.72 12.74
C MET A 187 -11.47 -8.97 14.13
N LEU A 188 -11.44 -7.94 14.97
CA LEU A 188 -11.95 -8.06 16.33
C LEU A 188 -13.14 -7.14 16.57
N THR A 189 -14.10 -7.62 17.36
CA THR A 189 -15.31 -6.91 17.76
C THR A 189 -15.30 -7.08 19.26
N ASN A 190 -14.90 -6.03 19.98
CA ASN A 190 -14.72 -6.06 21.43
C ASN A 190 -13.66 -7.11 21.84
N GLY A 191 -12.62 -7.27 21.00
CA GLY A 191 -11.53 -8.22 21.19
C GLY A 191 -11.93 -9.67 20.92
N THR A 192 -12.93 -9.87 20.06
CA THR A 192 -13.47 -11.19 19.78
C THR A 192 -13.65 -11.40 18.32
N VAL A 193 -13.28 -12.58 17.83
CA VAL A 193 -13.43 -12.86 16.41
C VAL A 193 -14.86 -13.25 16.07
N TYR A 194 -15.60 -12.32 15.41
CA TYR A 194 -16.97 -12.50 14.97
C TYR A 194 -17.90 -13.03 16.07
N PRO A 195 -18.18 -12.22 17.09
CA PRO A 195 -19.05 -12.69 18.18
C PRO A 195 -20.56 -12.59 17.86
N GLN A 196 -21.40 -13.09 18.78
CA GLN A 196 -22.84 -12.97 18.61
C GLN A 196 -23.43 -12.20 19.79
N HIS A 197 -24.53 -11.49 19.55
CA HIS A 197 -25.22 -10.78 20.61
C HIS A 197 -26.72 -11.03 20.51
N LEU A 198 -27.36 -11.30 21.63
CA LEU A 198 -28.79 -11.54 21.69
C LEU A 198 -29.46 -10.23 22.06
N ALA A 199 -30.33 -9.73 21.18
CA ALA A 199 -30.99 -8.45 21.41
C ALA A 199 -32.51 -8.56 21.48
N PRO A 200 -33.18 -7.71 22.26
CA PRO A 200 -34.65 -7.76 22.30
C PRO A 200 -35.27 -7.32 20.97
N ARG A 201 -36.50 -7.79 20.71
CA ARG A 201 -37.25 -7.41 19.52
C ARG A 201 -37.71 -5.96 19.71
N GLY A 202 -37.58 -5.16 18.68
CA GLY A 202 -37.93 -3.75 18.71
C GLY A 202 -36.83 -2.98 18.02
N TRP A 203 -36.08 -2.19 18.79
CA TRP A 203 -34.93 -1.48 18.24
C TRP A 203 -33.65 -1.88 18.97
N LEU A 204 -32.52 -1.76 18.27
CA LEU A 204 -31.23 -2.09 18.86
C LEU A 204 -30.27 -0.96 18.55
N ARG A 205 -29.69 -0.35 19.57
CA ARG A 205 -28.76 0.75 19.42
C ARG A 205 -27.33 0.25 19.52
N LEU A 206 -26.55 0.41 18.44
CA LEU A 206 -25.16 -0.01 18.38
C LEU A 206 -24.27 1.22 18.38
N ARG A 207 -23.36 1.30 19.35
CA ARG A 207 -22.44 2.42 19.42
C ARG A 207 -21.14 1.97 18.75
N PHE A 208 -21.01 2.23 17.45
CA PHE A 208 -19.86 1.80 16.69
C PHE A 208 -18.62 2.67 16.88
N LEU A 209 -17.47 2.05 17.15
CA LEU A 209 -16.19 2.74 17.27
C LEU A 209 -15.22 1.99 16.38
N ASN A 210 -14.58 2.69 15.42
CA ASN A 210 -13.54 2.07 14.61
C ASN A 210 -12.26 2.29 15.40
N GLY A 211 -11.81 1.26 16.12
CA GLY A 211 -10.61 1.32 16.93
C GLY A 211 -9.36 0.84 16.22
N CYS A 212 -9.40 0.74 14.87
CA CYS A 212 -8.24 0.29 14.07
C CYS A 212 -7.20 1.37 14.05
N ASN A 213 -5.92 1.00 14.00
CA ASN A 213 -4.84 1.97 13.94
C ASN A 213 -4.84 2.68 12.58
N ALA A 214 -5.06 1.91 11.50
CA ALA A 214 -5.03 2.48 10.17
C ALA A 214 -6.22 2.08 9.29
N ARG A 215 -6.87 0.95 9.60
CA ARG A 215 -7.95 0.46 8.75
C ARG A 215 -9.25 1.23 8.80
N SER A 216 -9.73 1.68 7.65
CA SER A 216 -11.06 2.31 7.59
C SER A 216 -12.09 1.19 7.31
N LEU A 217 -13.34 1.37 7.76
CA LEU A 217 -14.35 0.33 7.58
C LEU A 217 -15.62 0.83 6.88
N ASN A 218 -16.45 -0.08 6.34
CA ASN A 218 -17.70 0.32 5.68
C ASN A 218 -18.81 -0.59 6.12
N LEU A 219 -19.51 -0.19 7.17
CA LEU A 219 -20.53 -1.02 7.79
C LEU A 219 -21.84 -1.09 7.02
N ALA A 220 -22.45 -2.24 7.05
CA ALA A 220 -23.71 -2.51 6.37
C ALA A 220 -24.35 -3.77 7.03
N THR A 221 -25.59 -4.11 6.69
CA THR A 221 -26.21 -5.34 7.18
C THR A 221 -26.11 -6.42 6.09
N SER A 222 -26.08 -7.67 6.51
CA SER A 222 -25.97 -8.80 5.58
C SER A 222 -27.22 -8.94 4.72
N ASP A 223 -28.41 -8.69 5.30
CA ASP A 223 -29.66 -8.81 4.55
C ASP A 223 -30.22 -7.48 4.04
N GLY A 224 -29.35 -6.51 3.82
CA GLY A 224 -29.70 -5.21 3.28
C GLY A 224 -30.56 -4.28 4.11
N ARG A 225 -30.96 -4.70 5.32
CA ARG A 225 -31.78 -3.83 6.19
C ARG A 225 -31.07 -2.52 6.51
N PRO A 226 -31.84 -1.45 6.74
CA PRO A 226 -31.21 -0.14 6.97
C PRO A 226 -30.52 0.01 8.31
N LEU A 227 -29.52 0.88 8.33
CA LEU A 227 -28.81 1.30 9.53
C LEU A 227 -29.24 2.76 9.68
N TYR A 228 -29.94 3.09 10.77
CA TYR A 228 -30.43 4.46 10.94
C TYR A 228 -29.48 5.20 11.84
N VAL A 229 -28.59 6.01 11.26
CA VAL A 229 -27.64 6.77 12.07
C VAL A 229 -28.36 7.79 12.94
N VAL A 230 -28.15 7.72 14.26
CA VAL A 230 -28.76 8.67 15.21
C VAL A 230 -27.73 9.57 15.91
N GLY A 231 -26.46 9.22 15.86
CA GLY A 231 -25.43 10.00 16.50
C GLY A 231 -24.09 9.89 15.82
N SER A 232 -23.24 10.88 16.05
CA SER A 232 -21.89 10.90 15.51
C SER A 232 -20.89 11.12 16.67
N ASP A 233 -19.58 11.34 16.34
CA ASP A 233 -18.50 11.56 17.31
C ASP A 233 -18.85 12.36 18.52
N GLY A 234 -19.68 13.39 18.36
CA GLY A 234 -20.00 14.28 19.47
C GLY A 234 -21.44 14.65 19.75
N GLY A 235 -22.35 13.73 19.52
CA GLY A 235 -23.74 13.96 19.84
C GLY A 235 -24.71 13.41 18.83
N LEU A 236 -25.98 13.40 19.19
CA LEU A 236 -27.01 12.91 18.30
C LEU A 236 -27.24 13.91 17.17
N LEU A 237 -27.67 13.41 16.01
CA LEU A 237 -27.97 14.28 14.87
C LEU A 237 -29.33 14.99 15.15
N GLY A 238 -29.73 15.92 14.28
CA GLY A 238 -31.02 16.58 14.42
C GLY A 238 -32.17 15.60 14.29
N GLU A 239 -32.03 14.65 13.35
CA GLU A 239 -32.98 13.59 13.06
C GLU A 239 -32.23 12.38 12.45
N PRO A 240 -32.74 11.14 12.63
CA PRO A 240 -32.03 9.98 12.07
C PRO A 240 -31.81 9.99 10.55
N VAL A 241 -30.67 9.47 10.11
CA VAL A 241 -30.30 9.40 8.71
C VAL A 241 -30.27 7.92 8.28
N LYS A 242 -31.23 7.50 7.43
CA LYS A 242 -31.33 6.12 6.96
C LYS A 242 -30.23 5.85 5.94
N LEU A 243 -29.33 4.89 6.26
CA LEU A 243 -28.19 4.53 5.39
C LEU A 243 -28.13 3.01 5.19
N THR A 244 -27.54 2.55 4.07
CA THR A 244 -27.29 1.12 3.89
C THR A 244 -25.82 0.88 4.20
N GLU A 245 -24.93 1.74 3.69
CA GLU A 245 -23.49 1.66 3.98
C GLU A 245 -23.08 2.85 4.87
N LEU A 246 -22.30 2.57 5.92
CA LEU A 246 -21.80 3.57 6.85
C LEU A 246 -20.29 3.50 6.95
N PRO A 247 -19.59 4.30 6.14
CA PRO A 247 -18.12 4.30 6.23
C PRO A 247 -17.69 4.96 7.54
N ILE A 248 -16.87 4.26 8.31
CA ILE A 248 -16.41 4.77 9.60
C ILE A 248 -14.89 4.83 9.60
N LEU A 249 -14.33 6.02 9.87
CA LEU A 249 -12.88 6.22 9.88
C LEU A 249 -12.26 5.92 11.24
N MET A 250 -10.94 5.66 11.26
CA MET A 250 -10.20 5.39 12.50
C MET A 250 -10.39 6.49 13.54
N GLY A 251 -10.93 6.11 14.69
CA GLY A 251 -11.20 7.03 15.80
C GLY A 251 -12.64 7.53 15.84
N GLU A 252 -13.40 7.35 14.76
CA GLU A 252 -14.79 7.82 14.71
C GLU A 252 -15.82 6.95 15.44
N ARG A 253 -16.90 7.60 15.90
CA ARG A 253 -17.97 6.89 16.59
C ARG A 253 -19.29 7.24 15.94
N PHE A 254 -20.14 6.23 15.73
CA PHE A 254 -21.45 6.44 15.15
C PHE A 254 -22.44 5.63 15.90
N GLU A 255 -23.49 6.25 16.40
CA GLU A 255 -24.55 5.51 17.08
C GLU A 255 -25.60 5.18 16.03
N VAL A 256 -25.92 3.89 15.84
CA VAL A 256 -26.92 3.51 14.84
C VAL A 256 -28.04 2.68 15.46
N LEU A 257 -29.25 2.83 14.93
CA LEU A 257 -30.38 2.08 15.38
C LEU A 257 -30.76 1.05 14.33
N VAL A 258 -30.98 -0.20 14.75
CA VAL A 258 -31.35 -1.28 13.83
C VAL A 258 -32.69 -1.87 14.23
N ASP A 259 -33.54 -2.12 13.24
CA ASP A 259 -34.86 -2.69 13.47
C ASP A 259 -34.79 -4.22 13.66
N THR A 260 -35.13 -4.68 14.87
CA THR A 260 -35.14 -6.11 15.16
C THR A 260 -36.57 -6.66 15.34
N ARG A 261 -37.62 -5.86 15.03
CA ARG A 261 -39.01 -6.24 15.19
C ARG A 261 -39.39 -7.48 14.40
N ASP A 262 -38.74 -7.71 13.24
CA ASP A 262 -39.01 -8.90 12.45
C ASP A 262 -38.50 -10.21 13.07
N GLY A 263 -37.70 -10.13 14.12
CA GLY A 263 -37.19 -11.31 14.82
C GLY A 263 -36.16 -12.12 14.08
N LYS A 264 -35.78 -11.72 12.85
CA LYS A 264 -34.79 -12.47 12.07
C LYS A 264 -33.35 -12.10 12.39
N ALA A 265 -32.49 -13.10 12.46
CA ALA A 265 -31.07 -12.89 12.73
C ALA A 265 -30.40 -12.32 11.48
N PHE A 266 -29.31 -11.57 11.70
CA PHE A 266 -28.56 -10.92 10.63
C PHE A 266 -27.16 -10.53 11.12
N ASP A 267 -26.27 -10.18 10.19
CA ASP A 267 -24.93 -9.74 10.54
C ASP A 267 -24.68 -8.27 10.27
N ILE A 268 -23.77 -7.70 11.03
CA ILE A 268 -23.24 -6.38 10.80
C ILE A 268 -21.99 -6.74 10.02
N ILE A 269 -21.87 -6.28 8.78
CA ILE A 269 -20.73 -6.63 7.94
C ILE A 269 -19.93 -5.39 7.54
N THR A 270 -18.65 -5.57 7.24
CA THR A 270 -17.82 -4.47 6.74
C THR A 270 -17.43 -4.81 5.30
N LEU A 271 -17.57 -3.82 4.43
CA LEU A 271 -17.32 -3.95 3.00
C LEU A 271 -15.88 -3.61 2.64
N PRO A 272 -15.34 -4.19 1.56
CA PRO A 272 -13.96 -3.87 1.18
C PRO A 272 -13.79 -2.39 0.84
N VAL A 273 -12.70 -1.79 1.32
CA VAL A 273 -12.45 -0.37 1.06
C VAL A 273 -11.33 -0.19 0.02
N LYS A 274 -11.35 0.93 -0.70
CA LYS A 274 -10.31 1.22 -1.68
C LYS A 274 -9.11 1.91 -1.05
N GLN A 275 -8.81 1.59 0.21
CA GLN A 275 -7.67 2.16 0.92
C GLN A 275 -6.47 1.22 0.71
N MET A 276 -5.27 1.79 0.67
CA MET A 276 -4.07 0.98 0.42
C MET A 276 -3.76 0.00 1.52
N GLY A 277 -3.54 -1.25 1.14
CA GLY A 277 -3.21 -2.32 2.07
C GLY A 277 -4.40 -2.93 2.79
N MET A 278 -5.52 -2.21 2.79
CA MET A 278 -6.75 -2.65 3.46
C MET A 278 -7.66 -3.53 2.58
N THR A 279 -7.14 -4.01 1.45
CA THR A 279 -7.86 -4.79 0.45
C THR A 279 -7.61 -6.31 0.57
N LEU A 280 -6.46 -6.70 1.15
CA LEU A 280 -6.03 -8.09 1.28
C LEU A 280 -6.98 -8.93 2.16
N PRO A 281 -7.08 -10.26 1.89
CA PRO A 281 -7.95 -11.12 2.70
C PRO A 281 -7.72 -11.03 4.21
N PRO A 282 -8.76 -11.28 5.05
CA PRO A 282 -10.17 -11.61 4.72
C PRO A 282 -11.03 -10.42 4.25
N PHE A 283 -10.44 -9.23 4.22
CA PHE A 283 -11.12 -8.00 3.84
C PHE A 283 -11.34 -7.86 2.32
N ASP A 284 -10.97 -8.89 1.53
CA ASP A 284 -11.19 -8.93 0.09
C ASP A 284 -12.70 -9.03 -0.25
N ARG A 285 -13.49 -9.62 0.64
CA ARG A 285 -14.94 -9.80 0.51
C ARG A 285 -15.67 -9.15 1.71
N ALA A 286 -17.02 -9.16 1.72
CA ALA A 286 -17.79 -8.64 2.84
C ALA A 286 -17.51 -9.53 4.07
N LEU A 287 -17.16 -8.89 5.19
CA LEU A 287 -16.78 -9.61 6.39
C LEU A 287 -17.72 -9.36 7.56
N PRO A 288 -18.39 -10.42 8.05
CA PRO A 288 -19.27 -10.25 9.20
C PRO A 288 -18.48 -9.97 10.48
N VAL A 289 -18.76 -8.86 11.14
CA VAL A 289 -18.07 -8.49 12.35
C VAL A 289 -18.87 -8.79 13.61
N LEU A 290 -20.21 -8.77 13.51
CA LEU A 290 -21.06 -9.02 14.67
C LEU A 290 -22.37 -9.67 14.24
N HIS A 291 -22.81 -10.71 14.95
CA HIS A 291 -24.04 -11.40 14.61
C HIS A 291 -25.15 -11.03 15.57
N ILE A 292 -26.20 -10.41 15.05
CA ILE A 292 -27.34 -10.03 15.85
C ILE A 292 -28.38 -11.14 15.78
N GLN A 293 -28.79 -11.66 16.94
CA GLN A 293 -29.79 -12.70 17.05
C GLN A 293 -30.90 -12.18 17.94
N PRO A 294 -32.03 -11.75 17.35
CA PRO A 294 -33.13 -11.27 18.18
C PRO A 294 -33.77 -12.40 19.00
N THR A 295 -33.99 -12.12 20.28
CA THR A 295 -34.59 -13.07 21.25
C THR A 295 -36.14 -13.02 21.16
N LEU A 296 -36.86 -13.78 22.03
CA LEU A 296 -38.33 -13.71 22.04
C LEU A 296 -38.81 -12.46 22.80
N LYS A 297 -38.02 -11.98 23.80
CA LYS A 297 -38.30 -10.80 24.62
C LYS A 297 -38.31 -9.51 23.76
N SER A 298 -38.87 -8.41 24.29
CA SER A 298 -38.96 -7.17 23.49
C SER A 298 -38.77 -5.88 24.27
N ASN A 299 -38.46 -4.79 23.56
CA ASN A 299 -38.31 -3.48 24.19
C ASN A 299 -39.32 -2.45 23.64
N GLU A 300 -39.49 -1.31 24.34
CA GLU A 300 -40.44 -0.28 23.90
C GLU A 300 -39.78 0.90 23.16
N ALA A 301 -38.57 0.69 22.59
CA ALA A 301 -37.87 1.74 21.86
C ALA A 301 -38.65 2.20 20.62
N LYS A 302 -38.41 3.43 20.13
CA LYS A 302 -39.21 3.92 19.00
C LYS A 302 -38.48 4.42 17.74
N LEU A 303 -37.23 4.92 17.85
CA LEU A 303 -36.54 5.57 16.73
C LEU A 303 -37.31 6.87 16.44
N PRO A 304 -37.07 7.91 17.26
CA PRO A 304 -37.86 9.15 17.12
C PRO A 304 -37.70 9.89 15.79
N ASP A 305 -38.73 10.64 15.42
CA ASP A 305 -38.75 11.43 14.19
C ASP A 305 -37.68 12.52 14.23
N ALA A 306 -37.54 13.17 15.39
CA ALA A 306 -36.55 14.21 15.64
C ALA A 306 -35.78 13.80 16.90
N LEU A 307 -34.45 13.96 16.89
CA LEU A 307 -33.63 13.59 18.03
C LEU A 307 -33.36 14.79 18.99
N VAL A 308 -32.46 15.71 18.64
CA VAL A 308 -32.15 16.88 19.45
C VAL A 308 -32.17 18.14 18.57
N ASN A 309 -32.16 19.35 19.19
CA ASN A 309 -32.11 20.57 18.40
C ASN A 309 -30.70 20.78 17.90
N MET A 310 -30.41 20.34 16.67
CA MET A 310 -29.11 20.54 16.05
C MET A 310 -29.07 21.98 15.61
N PRO A 311 -28.14 22.77 16.17
CA PRO A 311 -28.08 24.18 15.81
C PRO A 311 -27.64 24.40 14.36
N ALA A 312 -27.99 25.56 13.81
CA ALA A 312 -27.56 25.90 12.45
C ALA A 312 -26.06 26.19 12.45
N VAL A 313 -25.40 26.00 11.31
CA VAL A 313 -23.97 26.27 11.24
C VAL A 313 -23.77 27.77 11.06
N PRO A 314 -23.09 28.43 12.02
CA PRO A 314 -22.89 29.88 11.90
C PRO A 314 -21.98 30.21 10.73
N ALA A 315 -22.36 31.25 9.96
CA ALA A 315 -21.56 31.70 8.83
C ALA A 315 -20.43 32.52 9.45
N ALA A 316 -19.24 31.91 9.55
CA ALA A 316 -18.06 32.50 10.19
C ALA A 316 -17.81 33.97 9.82
N ASP A 317 -17.83 34.27 8.52
CA ASP A 317 -17.58 35.52 7.82
C ASP A 317 -16.21 36.10 8.15
N ASN A 318 -15.98 36.62 9.37
CA ASN A 318 -14.69 37.20 9.71
C ASN A 318 -14.01 36.48 10.89
N VAL A 319 -13.55 35.25 10.67
CA VAL A 319 -12.84 34.50 11.72
C VAL A 319 -11.41 34.20 11.27
N LYS A 320 -10.53 33.86 12.22
CA LYS A 320 -9.15 33.54 11.87
C LYS A 320 -9.11 32.19 11.17
N THR A 321 -8.61 32.16 9.93
CA THR A 321 -8.49 30.91 9.19
C THR A 321 -7.18 30.18 9.54
N ARG A 322 -7.11 28.87 9.26
CA ARG A 322 -5.89 28.10 9.50
C ARG A 322 -5.61 27.21 8.32
N TRP A 323 -4.32 26.97 8.05
CA TRP A 323 -3.94 26.06 6.99
C TRP A 323 -2.99 25.02 7.53
N LEU A 324 -3.43 23.77 7.50
CA LEU A 324 -2.64 22.65 7.95
C LEU A 324 -2.43 21.75 6.75
N GLN A 325 -1.26 21.80 6.15
CA GLN A 325 -0.92 21.01 4.99
C GLN A 325 -0.18 19.74 5.46
N LEU A 326 -0.83 18.59 5.30
CA LEU A 326 -0.25 17.31 5.67
C LEU A 326 0.66 16.90 4.53
N MET A 327 1.86 16.39 4.84
CA MET A 327 2.79 15.97 3.81
C MET A 327 3.53 14.69 4.13
N MET A 328 3.50 13.76 3.19
CA MET A 328 4.27 12.53 3.28
C MET A 328 5.30 12.67 2.14
N ASP A 329 6.09 13.75 2.15
CA ASP A 329 7.03 14.03 1.07
C ASP A 329 8.48 13.90 1.51
N GLY A 330 9.30 13.33 0.61
CA GLY A 330 10.73 13.16 0.81
C GLY A 330 11.17 12.42 2.05
N GLY A 331 11.51 13.19 3.08
CA GLY A 331 12.00 12.66 4.35
C GLY A 331 11.00 11.83 5.12
N GLY A 332 9.78 12.33 5.24
CA GLY A 332 8.74 11.60 5.96
C GLY A 332 7.42 12.30 6.15
N ASN A 333 6.79 12.07 7.33
CA ASN A 333 5.49 12.63 7.67
C ASN A 333 5.64 13.95 8.43
N LYS A 334 4.98 15.02 7.95
CA LYS A 334 5.06 16.34 8.55
C LYS A 334 3.82 17.21 8.27
N ILE A 335 3.58 18.25 9.07
CA ILE A 335 2.48 19.18 8.84
C ILE A 335 3.10 20.57 8.72
N ASN A 336 2.84 21.27 7.59
CA ASN A 336 3.39 22.60 7.31
C ASN A 336 4.91 22.57 7.33
N GLY A 337 5.48 21.54 6.72
CA GLY A 337 6.91 21.33 6.66
C GLY A 337 7.52 20.81 7.95
N ILE A 338 6.90 21.15 9.07
CA ILE A 338 7.38 20.74 10.39
C ILE A 338 6.86 19.35 10.76
N ALA A 339 7.76 18.42 11.06
CA ALA A 339 7.35 17.12 11.58
C ALA A 339 7.11 17.39 13.09
N PHE A 340 6.05 16.79 13.70
CA PHE A 340 5.67 17.06 15.09
C PHE A 340 6.80 17.35 16.10
N ASP A 341 6.92 18.63 16.44
CA ASP A 341 7.84 19.12 17.45
C ASP A 341 6.97 19.47 18.64
N MET A 342 7.13 18.72 19.72
CA MET A 342 6.33 18.91 20.93
C MET A 342 6.63 20.26 21.61
N ALA A 343 7.87 20.74 21.52
CA ALA A 343 8.28 21.99 22.18
C ALA A 343 7.71 23.25 21.56
N LYS A 344 7.17 23.18 20.34
CA LYS A 344 6.65 24.37 19.69
C LYS A 344 5.21 24.27 19.18
N PRO A 345 4.26 24.74 19.98
CA PRO A 345 2.86 24.74 19.53
C PRO A 345 2.61 25.77 18.45
N MET A 346 2.33 25.30 17.23
CA MET A 346 2.03 26.07 16.02
C MET A 346 1.43 27.46 16.21
N PHE A 347 0.38 27.60 17.05
CA PHE A 347 -0.30 28.89 17.24
C PHE A 347 -1.18 28.91 18.49
N ASP A 348 -1.60 30.12 18.90
CA ASP A 348 -2.48 30.32 20.05
C ASP A 348 -3.87 30.70 19.54
N VAL A 349 -4.90 30.16 20.19
CA VAL A 349 -6.27 30.37 19.83
C VAL A 349 -6.97 31.08 20.99
N LYS A 350 -7.77 32.10 20.69
CA LYS A 350 -8.51 32.81 21.71
C LYS A 350 -9.67 31.90 22.14
N ARG A 351 -9.76 31.55 23.44
CA ARG A 351 -10.84 30.70 23.95
C ARG A 351 -12.22 31.30 23.65
N GLY A 352 -13.20 30.43 23.39
CA GLY A 352 -14.58 30.79 23.10
C GLY A 352 -14.83 31.38 21.73
N THR A 353 -13.81 31.41 20.86
CA THR A 353 -13.96 32.01 19.55
C THR A 353 -13.93 31.00 18.38
N TYR A 354 -14.80 31.24 17.40
CA TYR A 354 -14.89 30.43 16.20
C TYR A 354 -13.70 30.67 15.30
N GLU A 355 -13.35 29.65 14.57
CA GLU A 355 -12.25 29.68 13.63
C GLU A 355 -12.61 28.75 12.45
N LYS A 356 -11.98 28.97 11.30
CA LYS A 356 -12.24 28.19 10.11
C LYS A 356 -10.97 27.47 9.73
N TRP A 357 -10.87 26.19 10.07
CA TRP A 357 -9.65 25.42 9.82
C TRP A 357 -9.67 24.67 8.52
N THR A 358 -8.54 24.66 7.79
CA THR A 358 -8.45 23.96 6.52
C THR A 358 -7.26 22.98 6.48
N ILE A 359 -7.56 21.70 6.34
CA ILE A 359 -6.55 20.64 6.32
C ILE A 359 -6.40 20.15 4.90
N SER A 360 -5.16 19.96 4.42
CA SER A 360 -4.90 19.57 3.05
C SER A 360 -4.10 18.31 2.89
N GLY A 361 -4.59 17.41 2.03
CA GLY A 361 -3.94 16.16 1.70
C GLY A 361 -3.58 16.03 0.23
N GLU A 362 -3.51 17.18 -0.48
CA GLU A 362 -3.15 17.24 -1.89
C GLU A 362 -1.70 16.83 -2.03
N GLY A 363 -1.38 16.13 -3.11
CA GLY A 363 -0.03 15.64 -3.34
C GLY A 363 0.28 14.54 -2.34
N ASP A 364 -0.67 13.61 -2.24
CA ASP A 364 -0.68 12.49 -1.32
C ASP A 364 -2.04 11.84 -1.49
N MET A 365 -2.08 10.56 -1.90
CA MET A 365 -3.37 9.89 -2.05
C MET A 365 -3.76 9.02 -0.86
N MET A 366 -3.13 9.24 0.30
CA MET A 366 -3.43 8.49 1.51
C MET A 366 -4.64 9.04 2.26
N LEU A 367 -5.21 8.23 3.17
CA LEU A 367 -6.38 8.62 3.95
C LEU A 367 -5.95 9.26 5.26
N HIS A 368 -6.49 10.45 5.57
CA HIS A 368 -6.15 11.13 6.80
C HIS A 368 -7.36 11.58 7.57
N PRO A 369 -7.80 10.80 8.58
CA PRO A 369 -8.92 11.25 9.40
C PRO A 369 -8.40 12.32 10.36
N PHE A 370 -8.53 13.60 9.97
CA PHE A 370 -8.02 14.68 10.80
C PHE A 370 -8.78 14.86 12.10
N HIS A 371 -8.12 14.57 13.22
CA HIS A 371 -8.70 14.68 14.56
C HIS A 371 -8.16 15.92 15.30
N ILE A 372 -9.07 16.69 15.93
CA ILE A 372 -8.70 17.88 16.69
C ILE A 372 -9.08 17.70 18.17
N HIS A 373 -8.10 17.90 19.08
CA HIS A 373 -8.34 17.73 20.51
C HIS A 373 -9.16 18.86 21.14
N GLY A 374 -9.77 18.58 22.28
CA GLY A 374 -10.56 19.52 23.07
C GLY A 374 -11.75 20.17 22.41
N THR A 375 -12.25 19.59 21.31
CA THR A 375 -13.40 20.19 20.62
C THR A 375 -14.30 19.15 19.91
N GLN A 376 -15.50 19.62 19.53
CA GLN A 376 -16.51 18.97 18.74
C GLN A 376 -16.92 20.06 17.77
N PHE A 377 -16.60 19.89 16.49
CA PHE A 377 -16.85 20.91 15.47
C PHE A 377 -17.95 20.54 14.43
N ARG A 378 -18.12 21.36 13.37
CA ARG A 378 -19.07 21.13 12.29
C ARG A 378 -18.28 21.16 11.00
N ILE A 379 -18.32 20.07 10.21
CA ILE A 379 -17.59 20.03 8.95
C ILE A 379 -18.28 20.95 7.92
N LEU A 380 -17.52 21.89 7.35
CA LEU A 380 -18.07 22.79 6.33
C LEU A 380 -17.91 22.11 4.97
N SER A 381 -16.72 21.59 4.70
CA SER A 381 -16.43 20.88 3.47
C SER A 381 -15.58 19.64 3.77
N GLU A 382 -16.03 18.48 3.31
CA GLU A 382 -15.29 17.24 3.49
C GLU A 382 -14.75 16.76 2.14
N ASN A 383 -13.43 16.93 1.93
CA ASN A 383 -12.72 16.54 0.71
C ASN A 383 -13.32 17.21 -0.53
N GLY A 384 -13.68 18.48 -0.39
CA GLY A 384 -14.29 19.24 -1.48
C GLY A 384 -15.80 19.27 -1.42
N LYS A 385 -16.43 18.08 -1.46
CA LYS A 385 -17.90 17.98 -1.39
C LYS A 385 -18.43 18.34 0.01
N PRO A 386 -19.69 18.82 0.15
CA PRO A 386 -20.22 19.09 1.49
C PRO A 386 -20.35 17.78 2.31
N PRO A 387 -20.41 17.85 3.65
CA PRO A 387 -20.50 16.61 4.44
C PRO A 387 -21.83 15.90 4.27
N ALA A 388 -21.82 14.55 4.34
CA ALA A 388 -23.05 13.77 4.24
C ALA A 388 -24.05 14.14 5.37
N ALA A 389 -25.32 13.72 5.27
CA ALA A 389 -26.31 14.03 6.30
C ALA A 389 -25.86 13.57 7.70
N HIS A 390 -25.36 12.33 7.82
CA HIS A 390 -24.89 11.81 9.09
C HIS A 390 -23.52 12.39 9.52
N ARG A 391 -22.75 12.98 8.60
CA ARG A 391 -21.46 13.58 8.92
C ARG A 391 -21.51 15.12 9.09
N SER A 392 -22.71 15.70 9.15
CA SER A 392 -22.88 17.15 9.27
C SER A 392 -23.19 17.66 10.69
N GLY A 393 -23.19 16.77 11.68
CA GLY A 393 -23.46 17.16 13.05
C GLY A 393 -22.18 17.42 13.81
N TRP A 394 -22.10 16.93 15.05
CA TRP A 394 -20.90 17.11 15.85
C TRP A 394 -19.84 16.05 15.58
N LYS A 395 -18.73 16.47 15.00
CA LYS A 395 -17.63 15.59 14.65
C LYS A 395 -16.32 16.07 15.24
N ASP A 396 -15.43 15.16 15.61
CA ASP A 396 -14.08 15.50 16.04
C ASP A 396 -13.00 15.00 15.06
N THR A 397 -13.45 14.40 13.95
CA THR A 397 -12.68 13.82 12.88
C THR A 397 -13.30 14.31 11.55
N VAL A 398 -12.46 14.55 10.55
CA VAL A 398 -12.90 14.96 9.23
C VAL A 398 -12.02 14.26 8.20
N ARG A 399 -12.62 13.71 7.13
CA ARG A 399 -11.84 12.98 6.11
C ARG A 399 -10.94 13.89 5.26
N VAL A 400 -9.65 13.58 5.20
CA VAL A 400 -8.72 14.34 4.37
C VAL A 400 -7.96 13.34 3.50
N GLU A 401 -8.48 13.05 2.30
CA GLU A 401 -7.88 12.04 1.42
C GLU A 401 -7.72 12.55 -0.01
N GLY A 402 -6.55 13.10 -0.32
CA GLY A 402 -6.27 13.59 -1.67
C GLY A 402 -6.58 15.06 -1.95
N TRP A 403 -7.64 15.59 -1.34
CA TRP A 403 -7.99 17.00 -1.53
C TRP A 403 -7.98 17.74 -0.15
N ARG A 404 -8.68 18.86 -0.01
CA ARG A 404 -8.71 19.62 1.23
C ARG A 404 -10.08 19.63 1.88
N SER A 405 -10.08 19.65 3.21
CA SER A 405 -11.26 19.70 4.06
C SER A 405 -11.24 20.98 4.87
N GLU A 406 -12.42 21.48 5.23
CA GLU A 406 -12.53 22.70 6.01
C GLU A 406 -13.63 22.55 7.06
N VAL A 407 -13.31 22.88 8.33
CA VAL A 407 -14.24 22.75 9.46
C VAL A 407 -14.38 24.05 10.26
N LEU A 408 -15.45 24.17 11.03
CA LEU A 408 -15.67 25.33 11.86
C LEU A 408 -15.47 24.92 13.33
N VAL A 409 -14.23 25.14 13.83
CA VAL A 409 -13.83 24.82 15.19
C VAL A 409 -14.03 25.97 16.17
N LYS A 410 -14.15 25.67 17.45
CA LYS A 410 -14.29 26.63 18.53
C LYS A 410 -13.87 25.90 19.79
N PHE A 411 -12.96 26.50 20.56
CA PHE A 411 -12.44 25.85 21.75
C PHE A 411 -12.92 26.56 22.99
N ASP A 412 -13.79 25.93 23.78
CA ASP A 412 -14.31 26.53 25.00
C ASP A 412 -13.42 26.33 26.24
N HIS A 413 -12.27 25.65 26.10
CA HIS A 413 -11.41 25.40 27.24
C HIS A 413 -9.97 25.77 26.95
N GLU A 414 -9.24 26.18 27.99
CA GLU A 414 -7.85 26.57 27.86
C GLU A 414 -6.93 25.38 27.64
N ALA A 415 -5.71 25.66 27.16
CA ALA A 415 -4.68 24.68 26.89
C ALA A 415 -3.36 25.43 26.92
N PRO A 416 -2.61 25.36 28.04
CA PRO A 416 -1.32 26.08 28.10
C PRO A 416 -0.22 25.46 27.22
N LYS A 417 0.97 26.09 27.15
CA LYS A 417 2.06 25.56 26.34
C LYS A 417 2.49 24.17 26.84
N GLU A 418 2.55 24.02 28.15
CA GLU A 418 2.96 22.80 28.83
C GLU A 418 2.01 21.64 28.57
N ARG A 419 0.70 21.95 28.50
CA ARG A 419 -0.34 20.96 28.24
C ARG A 419 -1.22 21.47 27.09
N ALA A 420 -0.63 21.52 25.89
CA ALA A 420 -1.30 22.00 24.69
C ALA A 420 -2.11 20.92 24.00
N TYR A 421 -3.18 21.33 23.30
CA TYR A 421 -4.02 20.43 22.54
C TYR A 421 -3.25 19.87 21.33
N MET A 422 -3.74 18.79 20.75
CA MET A 422 -3.11 18.20 19.57
C MET A 422 -4.10 18.17 18.40
N ALA A 423 -3.57 18.14 17.21
CA ALA A 423 -4.37 18.04 16.00
C ALA A 423 -3.56 17.12 15.14
N HIS A 424 -4.15 16.01 14.67
CA HIS A 424 -3.36 15.05 13.91
C HIS A 424 -4.18 14.10 13.05
N CYS A 425 -3.47 13.35 12.21
CA CYS A 425 -4.06 12.33 11.37
C CYS A 425 -4.28 11.14 12.30
N HIS A 426 -5.55 10.66 12.41
CA HIS A 426 -5.83 9.56 13.30
C HIS A 426 -5.39 8.20 12.75
N LEU A 427 -4.61 8.16 11.67
CA LEU A 427 -3.97 6.93 11.21
C LEU A 427 -2.75 6.96 12.14
N LEU A 428 -2.85 6.24 13.26
CA LEU A 428 -1.89 6.28 14.34
C LEU A 428 -0.42 6.28 13.93
N GLU A 429 -0.02 5.48 12.94
CA GLU A 429 1.37 5.45 12.51
C GLU A 429 1.80 6.77 11.85
N HIS A 430 0.89 7.46 11.13
CA HIS A 430 1.21 8.77 10.56
C HIS A 430 1.46 9.75 11.68
N GLU A 431 0.57 9.74 12.69
CA GLU A 431 0.67 10.58 13.87
C GLU A 431 2.00 10.34 14.61
N ASP A 432 2.35 9.08 14.83
CA ASP A 432 3.57 8.72 15.52
C ASP A 432 4.83 9.12 14.79
N THR A 433 4.78 9.09 13.47
CA THR A 433 5.93 9.43 12.66
C THR A 433 5.92 10.89 12.20
N GLY A 434 5.29 11.78 12.97
CA GLY A 434 5.32 13.21 12.66
C GLY A 434 4.04 13.93 12.25
N MET A 435 3.05 13.25 11.64
CA MET A 435 1.83 13.93 11.21
C MET A 435 0.88 14.26 12.36
N MET A 436 1.33 15.19 13.21
CA MET A 436 0.67 15.71 14.40
C MET A 436 1.20 17.14 14.66
N MET A 437 0.44 17.95 15.38
CA MET A 437 0.82 19.31 15.72
C MET A 437 0.14 19.75 17.01
N SER A 438 0.72 20.75 17.67
CA SER A 438 0.13 21.29 18.90
C SER A 438 -0.27 22.74 18.74
N PHE A 439 -1.23 23.17 19.53
CA PHE A 439 -1.75 24.53 19.53
C PHE A 439 -2.29 24.85 20.92
N THR A 440 -2.15 26.11 21.34
CA THR A 440 -2.58 26.56 22.66
C THR A 440 -3.89 27.33 22.63
N VAL A 441 -4.67 27.29 23.70
CA VAL A 441 -5.93 28.03 23.80
C VAL A 441 -5.86 28.84 25.10
N SER A 442 -6.22 30.13 25.05
CA SER A 442 -6.11 30.99 26.23
C SER A 442 -7.17 32.11 26.28
N ALA B 1 -13.01 0.47 -34.55
CA ALA B 1 -12.00 1.53 -34.56
C ALA B 1 -11.79 2.20 -33.20
N GLU B 2 -12.32 1.62 -32.11
CA GLU B 2 -12.21 2.23 -30.78
C GLU B 2 -10.93 1.89 -30.02
N HIS B 3 -10.01 1.14 -30.63
CA HIS B 3 -8.71 0.80 -30.03
C HIS B 3 -7.57 1.02 -31.01
N PRO B 4 -6.38 1.37 -30.51
CA PRO B 4 -5.25 1.61 -31.43
C PRO B 4 -4.63 0.33 -32.01
N THR B 5 -3.58 0.47 -32.81
CA THR B 5 -2.86 -0.67 -33.35
C THR B 5 -1.57 -0.80 -32.56
N LEU B 6 -1.20 -2.02 -32.15
CA LEU B 6 0.03 -2.26 -31.41
C LEU B 6 1.27 -1.82 -32.19
N PRO B 7 2.04 -0.87 -31.63
CA PRO B 7 3.25 -0.43 -32.32
C PRO B 7 4.36 -1.48 -32.26
N ILE B 8 5.11 -1.65 -33.36
CA ILE B 8 6.22 -2.59 -33.36
C ILE B 8 7.53 -1.82 -33.36
N PRO B 9 8.34 -1.98 -32.30
CA PRO B 9 9.63 -1.28 -32.25
C PRO B 9 10.52 -1.79 -33.36
N ALA B 10 11.18 -0.88 -34.08
CA ALA B 10 12.05 -1.20 -35.20
C ALA B 10 13.14 -2.20 -34.82
N LEU B 11 13.47 -3.10 -35.74
CA LEU B 11 14.49 -4.11 -35.49
C LEU B 11 15.83 -3.66 -36.03
N LEU B 12 16.61 -2.90 -35.23
CA LEU B 12 17.91 -2.39 -35.69
C LEU B 12 19.02 -3.42 -35.64
N THR B 13 19.76 -3.55 -36.74
CA THR B 13 20.89 -4.47 -36.81
C THR B 13 22.17 -3.66 -36.87
N PRO B 14 23.30 -4.19 -36.38
CA PRO B 14 24.57 -3.43 -36.45
C PRO B 14 24.94 -3.11 -37.90
N ASP B 15 25.36 -1.87 -38.16
CA ASP B 15 25.67 -1.41 -39.51
C ASP B 15 27.04 -1.97 -40.02
N ALA B 16 27.50 -1.50 -41.20
CA ALA B 16 28.76 -1.92 -41.83
C ALA B 16 29.97 -1.74 -40.93
N ALA B 17 29.91 -0.74 -40.03
CA ALA B 17 30.98 -0.48 -39.06
C ALA B 17 30.81 -1.27 -37.74
N GLY B 18 29.84 -2.18 -37.68
CA GLY B 18 29.51 -2.97 -36.50
C GLY B 18 29.01 -2.09 -35.39
N LYS B 19 28.26 -1.04 -35.72
CA LYS B 19 27.77 -0.10 -34.73
C LYS B 19 26.25 0.06 -34.75
N ILE B 20 25.68 0.47 -33.60
CA ILE B 20 24.25 0.75 -33.48
C ILE B 20 24.11 2.12 -32.81
N ALA B 21 23.35 3.03 -33.42
CA ALA B 21 23.18 4.37 -32.87
C ALA B 21 21.86 4.50 -32.11
N LEU B 22 21.94 4.97 -30.85
CA LEU B 22 20.77 5.20 -30.01
C LEU B 22 20.73 6.65 -29.58
N ASN B 23 19.71 7.40 -30.00
CA ASN B 23 19.56 8.79 -29.61
C ASN B 23 18.46 8.90 -28.57
N VAL B 24 18.86 9.10 -27.30
CA VAL B 24 17.94 9.24 -26.18
C VAL B 24 17.40 10.66 -26.27
N GLN B 25 16.16 10.82 -26.68
CA GLN B 25 15.57 12.14 -26.90
C GLN B 25 14.23 12.34 -26.20
N THR B 26 13.72 13.58 -26.21
CA THR B 26 12.41 13.93 -25.65
C THR B 26 11.30 13.72 -26.71
N GLY B 27 10.05 13.79 -26.29
CA GLY B 27 8.91 13.64 -27.19
C GLY B 27 7.60 13.81 -26.48
N SER B 28 6.52 13.34 -27.10
CA SER B 28 5.20 13.39 -26.47
C SER B 28 4.28 12.25 -26.93
N MET B 29 3.31 11.88 -26.10
CA MET B 29 2.36 10.81 -26.42
C MET B 29 0.97 11.30 -26.08
N LYS B 30 -0.01 11.00 -26.93
CA LYS B 30 -1.38 11.44 -26.67
C LYS B 30 -2.22 10.39 -25.96
N TRP B 31 -2.26 10.43 -24.62
CA TRP B 31 -3.05 9.49 -23.81
C TRP B 31 -4.36 10.15 -23.32
N LYS B 32 -4.26 11.27 -22.58
CA LYS B 32 -5.43 12.00 -22.12
C LYS B 32 -5.99 12.75 -23.33
N ALA B 33 -7.33 12.73 -23.50
CA ALA B 33 -7.98 13.38 -24.63
C ALA B 33 -7.62 14.86 -24.75
N GLY B 34 -7.03 15.23 -25.88
CA GLY B 34 -6.61 16.61 -26.15
C GLY B 34 -5.49 17.07 -25.24
N MET B 35 -4.54 16.19 -24.95
CA MET B 35 -3.42 16.51 -24.06
C MET B 35 -2.18 15.73 -24.48
N GLN B 36 -1.18 16.41 -25.04
CA GLN B 36 0.08 15.77 -25.40
C GLN B 36 0.92 15.62 -24.13
N THR B 37 1.24 14.39 -23.74
CA THR B 37 2.04 14.16 -22.54
C THR B 37 3.50 14.18 -22.88
N PRO B 38 4.30 15.06 -22.26
CA PRO B 38 5.75 15.05 -22.50
C PRO B 38 6.38 13.75 -21.98
N THR B 39 7.05 13.01 -22.87
CA THR B 39 7.68 11.74 -22.57
C THR B 39 9.15 11.70 -23.07
N TRP B 40 9.90 10.66 -22.72
CA TRP B 40 11.27 10.45 -23.15
C TRP B 40 11.33 9.13 -23.97
N GLY B 41 12.31 8.99 -24.84
CA GLY B 41 12.43 7.78 -25.65
C GLY B 41 13.72 7.65 -26.43
N ILE B 42 14.07 6.43 -26.79
CA ILE B 42 15.26 6.16 -27.60
C ILE B 42 14.81 6.04 -29.06
N ASN B 43 15.24 6.99 -29.89
CA ASN B 43 14.89 7.08 -31.31
C ASN B 43 13.40 7.32 -31.56
N GLY B 44 12.69 7.84 -30.56
CA GLY B 44 11.27 8.14 -30.68
C GLY B 44 10.73 8.88 -29.48
N PRO B 45 9.40 9.05 -29.41
CA PRO B 45 8.82 9.79 -28.28
C PRO B 45 8.73 9.00 -26.97
N LEU B 46 8.80 7.67 -27.06
CA LEU B 46 8.69 6.76 -25.94
C LEU B 46 9.29 5.41 -26.33
N LEU B 47 9.71 4.65 -25.31
CA LEU B 47 10.35 3.34 -25.43
C LEU B 47 11.55 3.38 -26.41
N GLY B 48 11.82 2.35 -27.20
CA GLY B 48 12.97 2.36 -28.08
C GLY B 48 12.96 1.24 -29.09
N PRO B 49 14.08 1.06 -29.79
CA PRO B 49 14.14 0.00 -30.81
C PRO B 49 14.49 -1.38 -30.23
N ALA B 50 14.39 -2.40 -31.06
CA ALA B 50 14.76 -3.74 -30.70
C ALA B 50 16.08 -4.01 -31.41
N MET B 51 17.19 -4.03 -30.68
CA MET B 51 18.49 -4.28 -31.27
C MET B 51 18.63 -5.79 -31.53
N ARG B 52 18.72 -6.21 -32.80
CA ARG B 52 18.89 -7.62 -33.10
C ARG B 52 20.38 -7.89 -33.20
N LEU B 53 20.88 -8.73 -32.28
CA LEU B 53 22.30 -9.07 -32.22
C LEU B 53 22.48 -10.57 -32.37
N GLN B 54 23.56 -10.97 -33.03
CA GLN B 54 23.86 -12.39 -33.24
C GLN B 54 24.89 -12.83 -32.22
N ARG B 55 24.74 -14.05 -31.70
CA ARG B 55 25.69 -14.59 -30.73
C ARG B 55 27.04 -14.79 -31.39
N GLY B 56 28.08 -14.27 -30.77
CA GLY B 56 29.42 -14.36 -31.32
C GLY B 56 29.83 -13.04 -31.95
N LYS B 57 28.89 -12.37 -32.62
CA LYS B 57 29.17 -11.11 -33.27
C LYS B 57 29.31 -9.95 -32.27
N ASP B 58 30.12 -8.96 -32.64
CA ASP B 58 30.38 -7.79 -31.81
C ASP B 58 29.54 -6.60 -32.25
N VAL B 59 29.38 -5.61 -31.35
CA VAL B 59 28.64 -4.40 -31.64
C VAL B 59 29.14 -3.27 -30.74
N ALA B 60 29.15 -2.05 -31.26
CA ALA B 60 29.51 -0.88 -30.50
C ALA B 60 28.25 -0.05 -30.47
N ILE B 61 27.73 0.25 -29.27
CA ILE B 61 26.48 1.01 -29.19
C ILE B 61 26.74 2.45 -28.81
N ASN B 62 26.56 3.33 -29.79
CA ASN B 62 26.75 4.75 -29.62
C ASN B 62 25.51 5.41 -29.05
N VAL B 63 25.45 5.51 -27.70
CA VAL B 63 24.32 6.10 -26.99
C VAL B 63 24.53 7.60 -26.83
N THR B 64 23.74 8.41 -27.53
CA THR B 64 23.81 9.86 -27.49
C THR B 64 22.73 10.37 -26.56
N ASN B 65 23.09 11.23 -25.60
CA ASN B 65 22.11 11.80 -24.69
C ASN B 65 21.66 13.12 -25.26
N ALA B 66 20.39 13.22 -25.66
CA ALA B 66 19.80 14.46 -26.15
C ALA B 66 18.74 15.01 -25.17
N LEU B 67 18.76 14.55 -23.91
CA LEU B 67 17.84 14.98 -22.88
C LEU B 67 18.44 16.19 -22.15
N PRO B 68 17.62 17.00 -21.46
CA PRO B 68 18.18 18.14 -20.71
C PRO B 68 19.01 17.71 -19.49
N GLU B 69 18.93 16.45 -19.06
CA GLU B 69 19.68 15.99 -17.89
C GLU B 69 20.41 14.67 -18.11
N ALA B 70 21.41 14.38 -17.26
CA ALA B 70 22.24 13.19 -17.38
C ALA B 70 21.45 11.91 -17.19
N THR B 71 21.89 10.88 -17.87
CA THR B 71 21.28 9.56 -17.86
C THR B 71 22.36 8.49 -18.06
N THR B 72 22.04 7.23 -17.82
CA THR B 72 22.94 6.12 -18.12
C THR B 72 22.11 5.14 -19.03
N MET B 73 22.65 3.96 -19.38
CA MET B 73 21.89 3.00 -20.17
C MET B 73 22.36 1.59 -19.88
N HIS B 74 21.63 0.90 -19.03
CA HIS B 74 21.94 -0.45 -18.63
C HIS B 74 21.42 -1.45 -19.66
N TRP B 75 22.16 -2.54 -19.92
CA TRP B 75 21.71 -3.57 -20.85
C TRP B 75 21.28 -4.78 -20.02
N HIS B 76 20.06 -4.72 -19.46
CA HIS B 76 19.45 -5.73 -18.60
C HIS B 76 19.42 -7.12 -19.21
N GLY B 77 20.16 -8.04 -18.59
CA GLY B 77 20.23 -9.42 -19.06
C GLY B 77 21.48 -9.78 -19.82
N MET B 78 22.29 -8.78 -20.20
CA MET B 78 23.52 -9.05 -20.96
C MET B 78 24.69 -9.55 -20.10
N GLU B 79 25.37 -10.59 -20.60
CA GLU B 79 26.53 -11.17 -19.95
C GLU B 79 27.74 -10.48 -20.57
N ILE B 80 28.00 -9.27 -20.11
CA ILE B 80 29.05 -8.41 -20.62
C ILE B 80 29.91 -7.90 -19.46
N PRO B 81 31.14 -7.42 -19.72
CA PRO B 81 31.96 -6.88 -18.64
C PRO B 81 31.34 -5.60 -18.05
N GLY B 82 31.62 -5.36 -16.76
CA GLY B 82 31.13 -4.19 -16.04
C GLY B 82 31.44 -2.87 -16.70
N THR B 83 32.52 -2.84 -17.49
CA THR B 83 32.94 -1.66 -18.23
C THR B 83 31.96 -1.26 -19.35
N SER B 84 31.10 -2.20 -19.79
CA SER B 84 30.12 -1.98 -20.84
C SER B 84 28.67 -2.04 -20.33
N ASP B 85 28.44 -2.38 -19.06
CA ASP B 85 27.11 -2.56 -18.46
C ASP B 85 26.22 -1.33 -18.50
N GLY B 86 26.82 -0.16 -18.31
CA GLY B 86 26.07 1.10 -18.31
C GLY B 86 25.30 1.35 -17.04
N GLY B 87 25.91 1.03 -15.91
CA GLY B 87 25.30 1.25 -14.61
C GLY B 87 25.33 2.70 -14.18
N PRO B 88 25.13 2.97 -12.87
CA PRO B 88 25.12 4.37 -12.42
C PRO B 88 26.47 5.09 -12.48
N GLN B 89 27.56 4.38 -12.79
CA GLN B 89 28.88 4.99 -12.93
C GLN B 89 29.11 5.49 -14.36
N ALA B 90 28.56 4.81 -15.36
CA ALA B 90 28.71 5.21 -16.75
C ALA B 90 27.72 6.32 -17.08
N VAL B 91 27.98 7.52 -16.58
CA VAL B 91 27.08 8.66 -16.77
C VAL B 91 27.28 9.36 -18.09
N ILE B 92 26.22 9.43 -18.88
CA ILE B 92 26.20 10.11 -20.17
C ILE B 92 25.63 11.48 -19.91
N GLU B 93 26.47 12.52 -19.92
CA GLU B 93 25.99 13.88 -19.68
C GLU B 93 25.18 14.41 -20.88
N PRO B 94 24.25 15.38 -20.69
CA PRO B 94 23.47 15.88 -21.83
C PRO B 94 24.36 16.41 -22.95
N GLY B 95 24.01 16.06 -24.19
CA GLY B 95 24.77 16.45 -25.37
C GLY B 95 25.99 15.58 -25.64
N LYS B 96 26.28 14.60 -24.78
CA LYS B 96 27.44 13.73 -24.94
C LYS B 96 27.05 12.32 -25.44
N MET B 97 28.04 11.54 -25.87
CA MET B 97 27.80 10.20 -26.37
C MET B 97 28.74 9.18 -25.74
N TRP B 98 28.17 8.11 -25.19
CA TRP B 98 28.93 7.03 -24.59
C TRP B 98 28.81 5.81 -25.48
N THR B 99 29.92 5.10 -25.67
CA THR B 99 29.93 3.90 -26.48
C THR B 99 30.07 2.67 -25.60
N ALA B 100 29.28 1.63 -25.87
CA ALA B 100 29.35 0.39 -25.12
C ALA B 100 29.76 -0.73 -26.07
N GLU B 101 30.97 -1.28 -25.89
CA GLU B 101 31.42 -2.38 -26.72
C GLU B 101 30.87 -3.68 -26.14
N ILE B 102 30.10 -4.41 -26.94
CA ILE B 102 29.46 -5.64 -26.50
C ILE B 102 29.77 -6.80 -27.44
N LYS B 103 30.26 -7.91 -26.88
CA LYS B 103 30.50 -9.11 -27.66
C LYS B 103 29.49 -10.12 -27.16
N VAL B 104 28.46 -10.41 -27.95
CA VAL B 104 27.39 -11.34 -27.55
C VAL B 104 27.96 -12.72 -27.26
N ASP B 105 27.76 -13.25 -26.05
CA ASP B 105 28.30 -14.55 -25.67
C ASP B 105 27.32 -15.24 -24.72
N GLN B 106 26.06 -15.35 -25.14
CA GLN B 106 24.99 -15.96 -24.35
C GLN B 106 23.88 -16.48 -25.25
N PRO B 107 23.00 -17.39 -24.77
CA PRO B 107 21.95 -17.93 -25.64
C PRO B 107 20.96 -16.87 -26.14
N ALA B 108 20.16 -17.25 -27.16
CA ALA B 108 19.16 -16.40 -27.79
C ALA B 108 18.08 -16.06 -26.80
N THR B 109 17.76 -14.76 -26.66
CA THR B 109 16.77 -14.30 -25.68
C THR B 109 16.13 -12.94 -26.07
N THR B 110 15.14 -12.48 -25.26
CA THR B 110 14.59 -11.16 -25.31
C THR B 110 15.17 -10.49 -24.07
N ALA B 111 16.32 -9.83 -24.20
CA ALA B 111 16.89 -9.06 -23.10
C ALA B 111 16.34 -7.60 -23.30
N TRP B 112 16.64 -6.66 -22.40
CA TRP B 112 16.15 -5.29 -22.59
C TRP B 112 17.12 -4.23 -22.10
N PHE B 113 16.84 -2.97 -22.39
CA PHE B 113 17.70 -1.89 -21.95
C PHE B 113 16.91 -0.74 -21.40
N HIS B 114 17.46 -0.10 -20.40
CA HIS B 114 16.82 1.03 -19.72
C HIS B 114 17.87 1.78 -18.92
N PRO B 115 17.65 3.07 -18.62
CA PRO B 115 18.63 3.81 -17.81
C PRO B 115 18.83 3.19 -16.42
N HIS B 116 19.98 3.44 -15.82
CA HIS B 116 20.32 2.97 -14.47
C HIS B 116 20.91 4.12 -13.62
N THR B 117 20.50 5.36 -13.91
CA THR B 117 20.93 6.60 -13.28
C THR B 117 20.81 6.51 -11.77
N HIS B 118 21.88 6.90 -11.06
CA HIS B 118 21.93 6.88 -9.59
C HIS B 118 20.75 7.61 -8.96
N GLY B 119 19.95 6.87 -8.19
CA GLY B 119 18.78 7.39 -7.50
C GLY B 119 17.73 8.01 -8.40
N LEU B 120 17.81 7.77 -9.72
CA LEU B 120 16.85 8.35 -10.64
C LEU B 120 16.28 7.37 -11.66
N THR B 121 16.71 6.09 -11.63
CA THR B 121 16.26 4.99 -12.50
C THR B 121 14.75 4.95 -12.70
N GLY B 122 13.98 4.94 -11.62
CA GLY B 122 12.53 4.90 -11.66
C GLY B 122 11.92 6.07 -12.42
N ARG B 123 12.38 7.28 -12.13
CA ARG B 123 11.89 8.48 -12.79
C ARG B 123 12.07 8.42 -14.31
N GLN B 124 13.30 8.12 -14.77
CA GLN B 124 13.66 8.04 -16.18
C GLN B 124 12.96 6.90 -16.92
N VAL B 125 12.80 5.72 -16.27
CA VAL B 125 12.08 4.60 -16.88
C VAL B 125 10.60 4.99 -17.02
N ALA B 126 10.04 5.64 -15.98
CA ALA B 126 8.66 6.13 -16.02
C ALA B 126 8.50 7.21 -17.08
N MET B 127 9.55 8.02 -17.32
CA MET B 127 9.52 9.06 -18.35
C MET B 127 9.30 8.50 -19.73
N GLY B 128 9.77 7.28 -19.97
CA GLY B 128 9.58 6.63 -21.26
C GLY B 128 10.79 5.88 -21.78
N LEU B 129 11.94 6.00 -21.12
CA LEU B 129 13.13 5.30 -21.55
C LEU B 129 13.00 3.80 -21.32
N GLY B 130 13.33 3.05 -22.36
CA GLY B 130 13.28 1.59 -22.39
C GLY B 130 13.43 1.08 -23.81
N GLY B 131 13.89 -0.16 -23.94
CA GLY B 131 14.09 -0.77 -25.25
C GLY B 131 14.34 -2.26 -25.17
N LEU B 132 14.46 -2.92 -26.32
CA LEU B 132 14.67 -4.37 -26.37
C LEU B 132 16.01 -4.77 -26.97
N ILE B 133 16.45 -6.00 -26.67
CA ILE B 133 17.64 -6.61 -27.22
C ILE B 133 17.22 -8.05 -27.63
N ILE B 134 17.15 -8.32 -28.94
CA ILE B 134 16.81 -9.64 -29.44
C ILE B 134 18.10 -10.35 -29.79
N ILE B 135 18.47 -11.37 -29.02
CA ILE B 135 19.68 -12.14 -29.29
C ILE B 135 19.31 -13.37 -30.13
N ASP B 136 20.13 -13.66 -31.16
CA ASP B 136 19.93 -14.79 -32.07
C ASP B 136 21.10 -15.74 -32.02
N ASP B 137 20.83 -17.03 -32.14
CA ASP B 137 21.90 -18.03 -32.23
C ASP B 137 21.50 -19.14 -33.23
N GLU B 138 22.45 -19.96 -33.66
CA GLU B 138 22.17 -21.02 -34.62
C GLU B 138 21.18 -22.04 -34.05
N GLU B 139 21.37 -22.42 -32.78
CA GLU B 139 20.51 -23.40 -32.10
C GLU B 139 19.03 -23.03 -32.13
N SER B 140 18.70 -21.78 -31.77
CA SER B 140 17.33 -21.27 -31.73
C SER B 140 16.73 -21.12 -33.12
N THR B 141 17.56 -20.72 -34.09
CA THR B 141 17.13 -20.46 -35.46
C THR B 141 16.63 -21.73 -36.16
N LYS B 142 17.20 -22.90 -35.82
CA LYS B 142 16.79 -24.18 -36.38
C LYS B 142 15.34 -24.52 -36.01
N LEU B 143 14.92 -24.15 -34.79
CA LEU B 143 13.57 -24.40 -34.28
C LEU B 143 12.52 -23.71 -35.13
N PRO B 144 11.34 -24.33 -35.34
CA PRO B 144 10.32 -23.71 -36.20
C PRO B 144 9.42 -22.69 -35.50
N LEU B 145 9.98 -21.91 -34.55
CA LEU B 145 9.22 -20.89 -33.83
C LEU B 145 8.91 -19.72 -34.76
N PRO B 146 7.81 -18.97 -34.54
CA PRO B 146 7.52 -17.81 -35.40
C PRO B 146 8.68 -16.81 -35.39
N LYS B 147 9.14 -16.40 -36.58
CA LYS B 147 10.29 -15.50 -36.71
C LYS B 147 9.99 -14.18 -37.41
N GLU B 148 8.78 -14.01 -37.97
CA GLU B 148 8.45 -12.77 -38.66
C GLU B 148 8.19 -11.65 -37.70
N TRP B 149 9.22 -10.82 -37.45
CA TRP B 149 9.16 -9.67 -36.56
C TRP B 149 7.98 -8.76 -36.84
N GLY B 150 7.26 -8.41 -35.80
CA GLY B 150 6.10 -7.54 -35.94
C GLY B 150 4.88 -8.17 -36.57
N VAL B 151 4.98 -9.43 -37.01
CA VAL B 151 3.86 -10.13 -37.61
C VAL B 151 3.47 -11.32 -36.71
N ASP B 152 4.38 -12.31 -36.55
CA ASP B 152 4.15 -13.45 -35.68
C ASP B 152 5.18 -13.57 -34.55
N ASP B 153 6.19 -12.70 -34.52
CA ASP B 153 7.19 -12.63 -33.47
C ASP B 153 7.00 -11.22 -32.96
N VAL B 154 6.22 -11.07 -31.89
CA VAL B 154 5.82 -9.75 -31.42
C VAL B 154 6.27 -9.40 -30.02
N PRO B 155 6.94 -8.23 -29.86
CA PRO B 155 7.30 -7.78 -28.52
C PRO B 155 6.12 -7.15 -27.79
N VAL B 156 5.90 -7.50 -26.52
CA VAL B 156 4.83 -6.92 -25.72
C VAL B 156 5.41 -6.34 -24.43
N ILE B 157 5.65 -5.03 -24.41
CA ILE B 157 6.18 -4.29 -23.27
C ILE B 157 5.00 -3.73 -22.49
N LEU B 158 4.81 -4.25 -21.28
CA LEU B 158 3.70 -3.88 -20.41
C LEU B 158 4.18 -2.99 -19.28
N GLN B 159 3.80 -1.72 -19.32
CA GLN B 159 4.16 -0.75 -18.28
C GLN B 159 2.91 0.00 -17.87
N ASP B 160 2.76 0.29 -16.59
CA ASP B 160 1.65 1.13 -16.12
C ASP B 160 2.20 2.55 -15.86
N LYS B 161 1.36 3.57 -16.02
CA LYS B 161 1.78 4.95 -15.81
C LYS B 161 0.73 5.76 -15.09
N ARG B 162 1.16 6.79 -14.36
CA ARG B 162 0.24 7.67 -13.65
C ARG B 162 0.37 9.07 -14.22
N LEU B 163 -0.77 9.70 -14.56
CA LEU B 163 -0.74 11.05 -15.09
C LEU B 163 -1.48 12.03 -14.17
N ASP B 164 -0.98 13.27 -14.07
CA ASP B 164 -1.66 14.30 -13.30
C ASP B 164 -2.83 14.92 -14.12
N ALA B 165 -3.64 15.80 -13.51
CA ALA B 165 -4.77 16.46 -14.18
C ALA B 165 -4.36 17.17 -15.48
N LYS B 166 -3.16 17.76 -15.52
CA LYS B 166 -2.69 18.45 -16.73
C LYS B 166 -2.14 17.50 -17.83
N GLY B 167 -2.24 16.18 -17.61
CA GLY B 167 -1.77 15.17 -18.54
C GLY B 167 -0.33 14.74 -18.35
N HIS B 168 0.47 15.54 -17.63
CA HIS B 168 1.88 15.24 -17.39
C HIS B 168 2.10 13.96 -16.58
N ILE B 169 3.29 13.35 -16.71
CA ILE B 169 3.59 12.14 -15.95
C ILE B 169 3.78 12.50 -14.50
N ASP B 170 2.92 11.96 -13.63
CA ASP B 170 2.95 12.24 -12.20
C ASP B 170 3.90 11.34 -11.45
N TYR B 171 5.15 11.76 -11.30
CA TYR B 171 6.14 11.01 -10.56
C TYR B 171 6.81 11.85 -9.48
N GLN B 172 6.55 11.51 -8.22
CA GLN B 172 7.14 12.14 -7.05
C GLN B 172 7.78 11.03 -6.22
N LEU B 173 9.03 11.21 -5.78
CA LEU B 173 9.68 10.19 -4.95
C LEU B 173 9.42 10.46 -3.45
N ASP B 174 8.13 10.55 -3.09
CA ASP B 174 7.75 10.75 -1.70
C ASP B 174 7.88 9.42 -0.88
N ILE B 175 7.61 9.43 0.44
CA ILE B 175 7.76 8.21 1.24
C ILE B 175 6.84 7.08 0.80
N ILE B 176 5.64 7.38 0.25
CA ILE B 176 4.72 6.33 -0.19
C ILE B 176 5.26 5.63 -1.43
N THR B 177 5.59 6.40 -2.48
CA THR B 177 6.13 5.79 -3.71
C THR B 177 7.49 5.15 -3.44
N ALA B 178 8.28 5.63 -2.47
CA ALA B 178 9.56 5.01 -2.15
C ALA B 178 9.38 3.65 -1.42
N ALA B 179 8.25 3.45 -0.75
CA ALA B 179 7.99 2.23 -0.01
C ALA B 179 7.15 1.20 -0.78
N VAL B 180 5.98 1.60 -1.33
CA VAL B 180 5.17 0.63 -2.09
C VAL B 180 5.62 0.58 -3.57
N GLY B 181 6.03 1.71 -4.11
CA GLY B 181 6.46 1.82 -5.49
C GLY B 181 5.65 2.81 -6.28
N TRP B 182 6.03 3.00 -7.54
CA TRP B 182 5.32 3.89 -8.44
C TRP B 182 4.43 3.05 -9.30
N PHE B 183 3.15 3.33 -9.24
CA PHE B 183 2.14 2.65 -10.03
C PHE B 183 1.14 3.70 -10.60
N GLY B 184 0.29 3.27 -11.52
CA GLY B 184 -0.66 4.18 -12.14
C GLY B 184 -1.99 3.56 -12.44
N ASP B 185 -2.93 4.41 -12.82
CA ASP B 185 -4.29 4.02 -13.20
C ASP B 185 -4.43 3.81 -14.73
N MET B 186 -3.31 3.72 -15.46
CA MET B 186 -3.30 3.56 -16.90
C MET B 186 -2.35 2.44 -17.32
N MET B 187 -2.86 1.46 -18.06
CA MET B 187 -2.03 0.35 -18.55
C MET B 187 -1.57 0.58 -19.98
N LEU B 188 -0.28 0.41 -20.22
CA LEU B 188 0.29 0.57 -21.56
C LEU B 188 0.89 -0.71 -22.07
N THR B 189 0.73 -0.93 -23.38
CA THR B 189 1.24 -2.08 -24.13
C THR B 189 1.97 -1.44 -25.29
N ASN B 190 3.30 -1.37 -25.22
CA ASN B 190 4.12 -0.66 -26.18
C ASN B 190 3.77 0.84 -26.24
N GLY B 191 3.41 1.41 -25.08
CA GLY B 191 3.00 2.80 -24.93
C GLY B 191 1.62 3.09 -25.48
N THR B 192 0.75 2.09 -25.51
CA THR B 192 -0.57 2.22 -26.09
C THR B 192 -1.62 1.64 -25.19
N VAL B 193 -2.74 2.33 -25.04
CA VAL B 193 -3.80 1.82 -24.19
C VAL B 193 -4.63 0.75 -24.90
N TYR B 194 -4.42 -0.51 -24.51
CA TYR B 194 -5.14 -1.69 -25.03
C TYR B 194 -5.16 -1.73 -26.57
N PRO B 195 -3.99 -1.97 -27.19
CA PRO B 195 -3.96 -2.01 -28.66
C PRO B 195 -4.40 -3.36 -29.25
N GLN B 196 -4.53 -3.42 -30.57
CA GLN B 196 -4.89 -4.64 -31.27
C GLN B 196 -3.72 -5.07 -32.19
N HIS B 197 -3.53 -6.38 -32.39
CA HIS B 197 -2.52 -6.87 -33.30
C HIS B 197 -3.12 -7.97 -34.18
N LEU B 198 -2.85 -7.90 -35.47
CA LEU B 198 -3.34 -8.89 -36.43
C LEU B 198 -2.24 -9.92 -36.66
N ALA B 199 -2.54 -11.20 -36.50
CA ALA B 199 -1.52 -12.23 -36.70
C ALA B 199 -2.01 -13.43 -37.53
N PRO B 200 -1.10 -14.11 -38.26
CA PRO B 200 -1.53 -15.27 -39.04
C PRO B 200 -1.95 -16.46 -38.16
N ARG B 201 -2.81 -17.32 -38.70
CA ARG B 201 -3.25 -18.53 -38.02
C ARG B 201 -2.08 -19.52 -37.97
N GLY B 202 -1.98 -20.24 -36.88
CA GLY B 202 -0.89 -21.15 -36.63
C GLY B 202 -0.40 -20.86 -35.23
N TRP B 203 0.81 -20.33 -35.12
CA TRP B 203 1.34 -19.97 -33.81
C TRP B 203 1.72 -18.50 -33.74
N LEU B 204 1.68 -17.94 -32.55
CA LEU B 204 2.05 -16.53 -32.35
C LEU B 204 2.99 -16.44 -31.16
N ARG B 205 4.17 -15.90 -31.37
CA ARG B 205 5.17 -15.78 -30.33
C ARG B 205 5.17 -14.36 -29.76
N LEU B 206 4.86 -14.24 -28.46
CA LEU B 206 4.82 -12.96 -27.77
C LEU B 206 6.00 -12.87 -26.82
N ARG B 207 6.82 -11.85 -26.99
CA ARG B 207 7.96 -11.64 -26.12
C ARG B 207 7.52 -10.64 -25.03
N PHE B 208 7.04 -11.15 -23.91
CA PHE B 208 6.53 -10.32 -22.83
C PHE B 208 7.61 -9.71 -21.95
N LEU B 209 7.54 -8.40 -21.73
CA LEU B 209 8.44 -7.71 -20.83
C LEU B 209 7.58 -6.89 -19.88
N ASN B 210 7.74 -7.10 -18.57
CA ASN B 210 7.03 -6.29 -17.58
C ASN B 210 7.94 -5.09 -17.35
N GLY B 211 7.63 -3.97 -17.99
CA GLY B 211 8.40 -2.74 -17.87
C GLY B 211 7.89 -1.79 -16.81
N CYS B 212 7.04 -2.27 -15.87
CA CYS B 212 6.51 -1.45 -14.78
C CYS B 212 7.61 -1.19 -13.78
N ASN B 213 7.58 -0.01 -13.14
CA ASN B 213 8.55 0.33 -12.12
C ASN B 213 8.35 -0.53 -10.88
N ALA B 214 7.08 -0.74 -10.49
CA ALA B 214 6.80 -1.49 -9.28
C ALA B 214 5.70 -2.55 -9.46
N ARG B 215 4.84 -2.40 -10.46
CA ARG B 215 3.72 -3.32 -10.63
C ARG B 215 4.07 -4.70 -11.15
N SER B 216 3.68 -5.75 -10.42
CA SER B 216 3.83 -7.11 -10.91
C SER B 216 2.55 -7.48 -11.69
N LEU B 217 2.66 -8.36 -12.68
CA LEU B 217 1.51 -8.72 -13.51
C LEU B 217 1.22 -10.21 -13.55
N ASN B 218 0.00 -10.63 -13.93
CA ASN B 218 -0.32 -12.06 -14.03
C ASN B 218 -1.05 -12.31 -15.32
N LEU B 219 -0.31 -12.66 -16.35
CA LEU B 219 -0.86 -12.83 -17.69
C LEU B 219 -1.65 -14.10 -17.90
N ALA B 220 -2.70 -14.00 -18.68
CA ALA B 220 -3.59 -15.11 -18.99
C ALA B 220 -4.37 -14.74 -20.28
N THR B 221 -5.12 -15.69 -20.87
CA THR B 221 -5.95 -15.39 -22.03
C THR B 221 -7.41 -15.18 -21.54
N SER B 222 -8.17 -14.38 -22.29
CA SER B 222 -9.55 -14.09 -21.94
C SER B 222 -10.44 -15.33 -22.09
N ASP B 223 -10.17 -16.18 -23.08
CA ASP B 223 -10.98 -17.38 -23.29
C ASP B 223 -10.35 -18.67 -22.76
N GLY B 224 -9.50 -18.53 -21.75
CA GLY B 224 -8.85 -19.66 -21.09
C GLY B 224 -7.84 -20.48 -21.88
N ARG B 225 -7.58 -20.14 -23.16
CA ARG B 225 -6.61 -20.87 -23.95
C ARG B 225 -5.21 -20.85 -23.33
N PRO B 226 -4.41 -21.89 -23.57
CA PRO B 226 -3.09 -21.95 -22.90
C PRO B 226 -2.06 -20.97 -23.42
N LEU B 227 -1.13 -20.63 -22.56
CA LEU B 227 0.04 -19.83 -22.88
C LEU B 227 1.18 -20.83 -22.73
N TYR B 228 1.89 -21.13 -23.82
CA TYR B 228 2.97 -22.12 -23.75
C TYR B 228 4.28 -21.40 -23.61
N VAL B 229 4.81 -21.32 -22.38
CA VAL B 229 6.07 -20.65 -22.15
C VAL B 229 7.22 -21.38 -22.85
N VAL B 230 7.96 -20.68 -23.72
CA VAL B 230 9.10 -21.26 -24.42
C VAL B 230 10.44 -20.64 -24.04
N GLY B 231 10.43 -19.48 -23.38
CA GLY B 231 11.65 -18.81 -23.00
C GLY B 231 11.49 -17.96 -21.76
N SER B 232 12.60 -17.69 -21.09
CA SER B 232 12.62 -16.84 -19.90
C SER B 232 13.69 -15.74 -20.09
N ASP B 233 13.98 -14.95 -19.03
CA ASP B 233 14.93 -13.84 -19.03
C ASP B 233 16.17 -14.05 -19.85
N GLY B 234 16.72 -15.27 -19.85
CA GLY B 234 17.97 -15.54 -20.54
C GLY B 234 18.09 -16.74 -21.45
N GLY B 235 17.01 -17.09 -22.13
CA GLY B 235 17.06 -18.17 -23.08
C GLY B 235 15.83 -19.03 -23.08
N LEU B 236 15.73 -19.90 -24.08
CA LEU B 236 14.61 -20.80 -24.20
C LEU B 236 14.72 -21.91 -23.15
N LEU B 237 13.57 -22.44 -22.73
CA LEU B 237 13.56 -23.54 -21.77
C LEU B 237 13.95 -24.84 -22.52
N GLY B 238 14.10 -25.95 -21.80
CA GLY B 238 14.42 -27.22 -22.42
C GLY B 238 13.30 -27.73 -23.32
N GLU B 239 12.06 -27.43 -22.93
CA GLU B 239 10.83 -27.80 -23.61
C GLU B 239 9.71 -26.86 -23.12
N PRO B 240 8.69 -26.59 -23.97
CA PRO B 240 7.62 -25.67 -23.55
C PRO B 240 6.84 -26.10 -22.31
N VAL B 241 6.43 -25.10 -21.52
CA VAL B 241 5.67 -25.30 -20.28
C VAL B 241 4.27 -24.70 -20.47
N LYS B 242 3.24 -25.57 -20.55
CA LYS B 242 1.86 -25.15 -20.74
C LYS B 242 1.32 -24.52 -19.46
N LEU B 243 0.95 -23.23 -19.51
CA LEU B 243 0.43 -22.48 -18.35
C LEU B 243 -0.88 -21.77 -18.70
N THR B 244 -1.73 -21.49 -17.69
CA THR B 244 -2.92 -20.65 -17.93
C THR B 244 -2.59 -19.26 -17.40
N GLU B 245 -1.98 -19.16 -16.21
CA GLU B 245 -1.55 -17.90 -15.64
C GLU B 245 -0.01 -17.82 -15.63
N LEU B 246 0.54 -16.68 -16.06
CA LEU B 246 1.98 -16.44 -16.10
C LEU B 246 2.31 -15.18 -15.33
N PRO B 247 2.66 -15.33 -14.05
CA PRO B 247 3.06 -14.15 -13.28
C PRO B 247 4.41 -13.64 -13.77
N ILE B 248 4.48 -12.36 -14.10
CA ILE B 248 5.70 -11.76 -14.59
C ILE B 248 6.09 -10.60 -13.70
N LEU B 249 7.32 -10.65 -13.15
CA LEU B 249 7.81 -9.61 -12.24
C LEU B 249 8.48 -8.47 -12.99
N MET B 250 8.60 -7.29 -12.34
CA MET B 250 9.23 -6.11 -12.92
C MET B 250 10.65 -6.41 -13.41
N GLY B 251 10.87 -6.22 -14.71
CA GLY B 251 12.16 -6.46 -15.34
C GLY B 251 12.27 -7.81 -16.02
N GLU B 252 11.37 -8.76 -15.70
CA GLU B 252 11.43 -10.10 -16.30
C GLU B 252 10.92 -10.15 -17.73
N ARG B 253 11.38 -11.16 -18.48
CA ARG B 253 10.94 -11.40 -19.85
C ARG B 253 10.55 -12.85 -20.02
N PHE B 254 9.42 -13.09 -20.67
CA PHE B 254 8.94 -14.44 -20.92
C PHE B 254 8.48 -14.55 -22.34
N GLU B 255 9.04 -15.48 -23.12
CA GLU B 255 8.59 -15.69 -24.50
C GLU B 255 7.52 -16.75 -24.45
N VAL B 256 6.31 -16.44 -24.96
CA VAL B 256 5.21 -17.42 -24.93
C VAL B 256 4.64 -17.65 -26.31
N LEU B 257 4.20 -18.88 -26.57
CA LEU B 257 3.58 -19.24 -27.83
C LEU B 257 2.08 -19.41 -27.64
N VAL B 258 1.28 -18.81 -28.51
CA VAL B 258 -0.17 -18.91 -28.43
C VAL B 258 -0.72 -19.54 -29.70
N ASP B 259 -1.68 -20.45 -29.56
CA ASP B 259 -2.31 -21.12 -30.69
C ASP B 259 -3.39 -20.24 -31.34
N THR B 260 -3.17 -19.86 -32.59
CA THR B 260 -4.13 -19.05 -33.32
C THR B 260 -4.77 -19.83 -34.49
N ARG B 261 -4.59 -21.16 -34.55
CA ARG B 261 -5.12 -22.01 -35.61
C ARG B 261 -6.64 -22.00 -35.66
N ASP B 262 -7.31 -21.79 -34.52
CA ASP B 262 -8.77 -21.72 -34.50
C ASP B 262 -9.36 -20.43 -35.14
N GLY B 263 -8.50 -19.43 -35.34
CA GLY B 263 -8.87 -18.17 -35.95
C GLY B 263 -9.67 -17.21 -35.11
N LYS B 264 -10.09 -17.65 -33.92
CA LYS B 264 -10.89 -16.81 -33.04
C LYS B 264 -10.05 -15.74 -32.34
N ALA B 265 -10.61 -14.53 -32.26
CA ALA B 265 -9.95 -13.43 -31.58
C ALA B 265 -10.04 -13.64 -30.07
N PHE B 266 -9.07 -13.06 -29.36
CA PHE B 266 -9.00 -13.20 -27.91
C PHE B 266 -8.09 -12.09 -27.32
N ASP B 267 -8.11 -11.92 -25.99
CA ASP B 267 -7.28 -10.94 -25.33
C ASP B 267 -6.20 -11.58 -24.48
N ILE B 268 -5.11 -10.85 -24.31
CA ILE B 268 -4.06 -11.17 -23.35
C ILE B 268 -4.50 -10.30 -22.19
N ILE B 269 -4.81 -10.90 -21.05
CA ILE B 269 -5.29 -10.16 -19.89
C ILE B 269 -4.35 -10.30 -18.70
N THR B 270 -4.36 -9.31 -17.81
CA THR B 270 -3.58 -9.39 -16.58
C THR B 270 -4.55 -9.45 -15.41
N LEU B 271 -4.29 -10.37 -14.50
CA LEU B 271 -5.13 -10.67 -13.35
C LEU B 271 -4.74 -9.85 -12.14
N PRO B 272 -5.68 -9.56 -11.22
CA PRO B 272 -5.34 -8.77 -10.04
C PRO B 272 -4.29 -9.48 -9.17
N VAL B 273 -3.30 -8.74 -8.68
CA VAL B 273 -2.27 -9.33 -7.85
C VAL B 273 -2.43 -8.97 -6.37
N LYS B 274 -1.91 -9.81 -5.47
CA LYS B 274 -1.99 -9.55 -4.03
C LYS B 274 -0.84 -8.67 -3.55
N GLN B 275 -0.33 -7.79 -4.42
CA GLN B 275 0.77 -6.89 -4.09
C GLN B 275 0.19 -5.58 -3.59
N MET B 276 0.89 -4.91 -2.66
CA MET B 276 0.38 -3.68 -2.10
C MET B 276 0.29 -2.53 -3.07
N GLY B 277 -0.87 -1.90 -3.11
CA GLY B 277 -1.11 -0.75 -3.99
C GLY B 277 -1.48 -1.12 -5.40
N MET B 278 -1.17 -2.37 -5.81
CA MET B 278 -1.43 -2.85 -7.16
C MET B 278 -2.83 -3.48 -7.34
N THR B 279 -3.73 -3.27 -6.36
CA THR B 279 -5.08 -3.82 -6.32
C THR B 279 -6.16 -2.83 -6.78
N LEU B 280 -5.88 -1.53 -6.66
CA LEU B 280 -6.83 -0.45 -6.97
C LEU B 280 -7.18 -0.39 -8.46
N PRO B 281 -8.39 0.10 -8.79
CA PRO B 281 -8.78 0.20 -10.21
C PRO B 281 -7.79 0.91 -11.14
N PRO B 282 -7.74 0.51 -12.43
CA PRO B 282 -8.57 -0.52 -13.10
C PRO B 282 -8.13 -1.97 -12.91
N PHE B 283 -7.14 -2.21 -12.06
CA PHE B 283 -6.55 -3.51 -11.84
C PHE B 283 -7.31 -4.45 -10.89
N ASP B 284 -8.41 -3.96 -10.30
CA ASP B 284 -9.26 -4.72 -9.38
C ASP B 284 -9.91 -5.96 -10.06
N ARG B 285 -10.14 -5.87 -11.38
CA ARG B 285 -10.69 -6.94 -12.20
C ARG B 285 -9.65 -7.34 -13.29
N ALA B 286 -9.95 -8.38 -14.07
CA ALA B 286 -9.07 -8.81 -15.16
C ALA B 286 -9.02 -7.68 -16.22
N LEU B 287 -7.82 -7.29 -16.62
CA LEU B 287 -7.64 -6.19 -17.53
C LEU B 287 -6.99 -6.59 -18.85
N PRO B 288 -7.72 -6.42 -19.97
CA PRO B 288 -7.13 -6.76 -21.27
C PRO B 288 -6.02 -5.78 -21.66
N VAL B 289 -4.82 -6.31 -21.91
CA VAL B 289 -3.69 -5.49 -22.28
C VAL B 289 -3.40 -5.51 -23.79
N LEU B 290 -3.75 -6.62 -24.47
CA LEU B 290 -3.48 -6.73 -25.91
C LEU B 290 -4.54 -7.58 -26.56
N HIS B 291 -5.06 -7.15 -27.71
CA HIS B 291 -6.08 -7.90 -28.42
C HIS B 291 -5.50 -8.60 -29.62
N ILE B 292 -5.55 -9.93 -29.62
CA ILE B 292 -5.06 -10.71 -30.75
C ILE B 292 -6.24 -11.03 -31.68
N GLN B 293 -6.07 -10.74 -32.99
CA GLN B 293 -7.09 -11.00 -33.99
C GLN B 293 -6.45 -11.73 -35.16
N PRO B 294 -6.70 -13.06 -35.26
CA PRO B 294 -6.13 -13.83 -36.37
C PRO B 294 -6.69 -13.45 -37.75
N THR B 295 -5.79 -13.29 -38.71
CA THR B 295 -6.15 -12.93 -40.07
C THR B 295 -6.47 -14.20 -40.89
N LEU B 296 -6.88 -14.06 -42.18
CA LEU B 296 -7.13 -15.25 -43.00
C LEU B 296 -5.83 -15.99 -43.36
N LYS B 297 -4.69 -15.25 -43.40
CA LYS B 297 -3.35 -15.78 -43.66
C LYS B 297 -2.87 -16.71 -42.55
N SER B 298 -1.78 -17.47 -42.81
CA SER B 298 -1.25 -18.45 -41.86
C SER B 298 0.29 -18.62 -41.95
N ASN B 299 0.89 -19.43 -41.04
CA ASN B 299 2.34 -19.63 -41.06
C ASN B 299 2.77 -21.07 -40.82
N GLU B 300 3.96 -21.44 -41.35
CA GLU B 300 4.54 -22.78 -41.21
C GLU B 300 4.98 -23.09 -39.76
N ALA B 301 5.02 -22.06 -38.86
CA ALA B 301 5.43 -22.15 -37.46
C ALA B 301 4.78 -23.29 -36.67
N LYS B 302 5.59 -23.97 -35.84
CA LYS B 302 5.16 -25.10 -35.02
C LYS B 302 5.69 -24.99 -33.58
N LEU B 303 4.95 -25.53 -32.61
CA LEU B 303 5.35 -25.55 -31.22
C LEU B 303 6.19 -26.83 -31.05
N PRO B 304 7.53 -26.73 -30.86
CA PRO B 304 8.35 -27.95 -30.82
C PRO B 304 8.28 -28.73 -29.51
N ASP B 305 8.33 -30.08 -29.58
CA ASP B 305 8.29 -30.91 -28.39
C ASP B 305 9.49 -30.59 -27.46
N ALA B 306 10.65 -30.35 -28.06
CA ALA B 306 11.87 -29.99 -27.35
C ALA B 306 12.43 -28.71 -27.97
N LEU B 307 12.95 -27.80 -27.12
CA LEU B 307 13.51 -26.55 -27.61
C LEU B 307 15.05 -26.61 -27.74
N VAL B 308 15.79 -26.13 -26.73
CA VAL B 308 17.27 -26.16 -26.76
C VAL B 308 17.79 -27.19 -25.74
N ASN B 309 19.12 -27.42 -25.68
CA ASN B 309 19.64 -28.32 -24.66
C ASN B 309 19.79 -27.51 -23.39
N MET B 310 18.94 -27.79 -22.41
CA MET B 310 19.02 -27.10 -21.13
C MET B 310 19.93 -27.91 -20.20
N PRO B 311 21.10 -27.36 -19.81
CA PRO B 311 22.01 -28.14 -18.96
C PRO B 311 21.43 -28.44 -17.59
N ALA B 312 21.94 -29.50 -16.95
CA ALA B 312 21.49 -29.85 -15.61
C ALA B 312 22.05 -28.83 -14.62
N VAL B 313 21.36 -28.65 -13.49
CA VAL B 313 21.84 -27.73 -12.47
C VAL B 313 22.91 -28.45 -11.65
N PRO B 314 24.15 -27.92 -11.65
CA PRO B 314 25.21 -28.57 -10.86
C PRO B 314 24.93 -28.47 -9.37
N ALA B 315 25.09 -29.59 -8.62
CA ALA B 315 24.93 -29.52 -7.17
C ALA B 315 26.25 -28.96 -6.70
N ALA B 316 26.31 -27.62 -6.58
CA ALA B 316 27.52 -26.92 -6.19
C ALA B 316 27.67 -26.98 -4.67
N ASP B 317 28.10 -28.16 -4.21
CA ASP B 317 28.31 -28.56 -2.82
C ASP B 317 29.34 -27.74 -2.07
N ASN B 318 30.56 -27.56 -2.61
CA ASN B 318 31.58 -26.78 -1.89
C ASN B 318 31.99 -25.52 -2.62
N VAL B 319 31.05 -24.58 -2.78
CA VAL B 319 31.32 -23.32 -3.46
C VAL B 319 31.19 -22.15 -2.50
N LYS B 320 31.73 -20.97 -2.87
CA LYS B 320 31.61 -19.77 -2.05
C LYS B 320 30.14 -19.35 -2.01
N THR B 321 29.67 -18.89 -0.85
CA THR B 321 28.28 -18.48 -0.70
C THR B 321 28.18 -17.01 -0.28
N ARG B 322 27.01 -16.38 -0.49
CA ARG B 322 26.79 -15.00 -0.06
C ARG B 322 25.39 -14.84 0.54
N TRP B 323 25.24 -13.91 1.49
CA TRP B 323 23.95 -13.62 2.09
C TRP B 323 23.61 -12.15 1.84
N LEU B 324 22.43 -11.91 1.25
CA LEU B 324 21.99 -10.55 0.98
C LEU B 324 20.66 -10.29 1.66
N GLN B 325 20.72 -9.64 2.82
CA GLN B 325 19.51 -9.32 3.58
C GLN B 325 18.91 -8.00 3.12
N LEU B 326 17.74 -8.08 2.48
CA LEU B 326 17.03 -6.89 2.03
C LEU B 326 16.31 -6.32 3.25
N MET B 327 16.46 -5.02 3.47
CA MET B 327 15.85 -4.37 4.63
C MET B 327 14.98 -3.20 4.27
N MET B 328 13.78 -3.17 4.85
CA MET B 328 12.82 -2.08 4.73
C MET B 328 12.38 -1.68 6.16
N ASP B 329 13.34 -1.57 7.08
CA ASP B 329 13.03 -1.26 8.46
C ASP B 329 13.71 0.00 8.97
N GLY B 330 12.96 0.76 9.75
CA GLY B 330 13.44 2.00 10.37
C GLY B 330 13.61 3.16 9.41
N GLY B 331 14.85 3.43 9.04
CA GLY B 331 15.21 4.53 8.15
C GLY B 331 14.70 4.36 6.73
N GLY B 332 14.90 3.17 6.18
CA GLY B 332 14.44 2.90 4.83
C GLY B 332 14.89 1.59 4.22
N ASN B 333 15.27 1.65 2.93
CA ASN B 333 15.72 0.54 2.11
C ASN B 333 17.23 0.44 2.12
N LYS B 334 17.75 -0.77 2.35
CA LYS B 334 19.19 -1.01 2.40
C LYS B 334 19.48 -2.52 2.35
N ILE B 335 20.67 -2.91 1.86
CA ILE B 335 21.04 -4.33 1.81
C ILE B 335 22.17 -4.55 2.82
N ASN B 336 22.06 -5.58 3.67
CA ASN B 336 23.04 -5.92 4.70
C ASN B 336 23.32 -4.73 5.62
N GLY B 337 22.27 -4.02 5.98
CA GLY B 337 22.35 -2.84 6.82
C GLY B 337 22.82 -1.60 6.08
N ILE B 338 23.64 -1.79 5.05
CA ILE B 338 24.21 -0.70 4.28
C ILE B 338 23.28 -0.27 3.15
N ALA B 339 22.96 1.02 3.05
CA ALA B 339 22.17 1.54 1.92
C ALA B 339 23.16 1.70 0.72
N PHE B 340 22.65 1.84 -0.51
CA PHE B 340 23.53 1.90 -1.69
C PHE B 340 24.61 2.99 -1.67
N ASP B 341 25.88 2.53 -1.58
CA ASP B 341 27.07 3.36 -1.66
C ASP B 341 27.86 2.89 -2.89
N MET B 342 27.95 3.78 -3.89
CA MET B 342 28.62 3.52 -5.17
C MET B 342 30.13 3.38 -5.04
N ALA B 343 30.72 4.12 -4.09
CA ALA B 343 32.17 4.17 -3.85
C ALA B 343 32.78 2.90 -3.26
N LYS B 344 31.94 1.97 -2.74
CA LYS B 344 32.45 0.75 -2.14
C LYS B 344 31.75 -0.53 -2.60
N PRO B 345 32.38 -1.28 -3.52
CA PRO B 345 31.79 -2.57 -3.92
C PRO B 345 31.84 -3.53 -2.73
N MET B 346 30.71 -4.20 -2.45
CA MET B 346 30.55 -5.12 -1.33
C MET B 346 31.60 -6.23 -1.27
N PHE B 347 31.89 -6.89 -2.40
CA PHE B 347 32.87 -7.98 -2.41
C PHE B 347 33.42 -8.27 -3.82
N ASP B 348 34.39 -9.19 -3.93
CA ASP B 348 34.96 -9.58 -5.22
C ASP B 348 34.67 -11.04 -5.49
N VAL B 349 34.30 -11.35 -6.73
CA VAL B 349 33.98 -12.70 -7.17
C VAL B 349 35.01 -13.17 -8.19
N LYS B 350 35.61 -14.34 -7.95
CA LYS B 350 36.59 -14.90 -8.86
C LYS B 350 35.90 -15.29 -10.16
N ARG B 351 36.24 -14.62 -11.28
CA ARG B 351 35.65 -14.86 -12.60
C ARG B 351 35.62 -16.34 -13.03
N GLY B 352 34.54 -16.73 -13.69
CA GLY B 352 34.34 -18.08 -14.19
C GLY B 352 34.02 -19.13 -13.14
N THR B 353 34.02 -18.75 -11.86
CA THR B 353 33.74 -19.71 -10.79
C THR B 353 32.31 -19.60 -10.28
N TYR B 354 31.80 -20.71 -9.74
CA TYR B 354 30.44 -20.80 -9.22
C TYR B 354 30.28 -20.24 -7.81
N GLU B 355 29.09 -19.74 -7.52
CA GLU B 355 28.72 -19.18 -6.23
C GLU B 355 27.26 -19.51 -5.92
N LYS B 356 26.90 -19.50 -4.64
CA LYS B 356 25.54 -19.79 -4.22
C LYS B 356 25.05 -18.58 -3.46
N TRP B 357 24.20 -17.77 -4.09
CA TRP B 357 23.74 -16.53 -3.47
C TRP B 357 22.39 -16.67 -2.84
N THR B 358 22.25 -16.27 -1.59
CA THR B 358 20.96 -16.30 -0.91
C THR B 358 20.52 -14.86 -0.64
N ILE B 359 19.30 -14.50 -1.05
CA ILE B 359 18.78 -13.16 -0.85
C ILE B 359 17.54 -13.28 0.00
N SER B 360 17.46 -12.51 1.09
CA SER B 360 16.35 -12.59 2.04
C SER B 360 15.47 -11.34 2.12
N GLY B 361 14.19 -11.59 2.29
CA GLY B 361 13.17 -10.57 2.46
C GLY B 361 12.32 -10.80 3.69
N GLU B 362 12.85 -11.57 4.67
CA GLU B 362 12.18 -11.83 5.94
C GLU B 362 12.12 -10.54 6.73
N GLY B 363 11.04 -10.34 7.47
CA GLY B 363 10.85 -9.11 8.23
C GLY B 363 10.62 -7.96 7.27
N ASP B 364 9.70 -8.22 6.32
CA ASP B 364 9.33 -7.33 5.24
C ASP B 364 8.39 -8.15 4.36
N MET B 365 7.13 -7.71 4.19
CA MET B 365 6.21 -8.45 3.33
C MET B 365 6.09 -7.88 1.90
N MET B 366 7.06 -7.07 1.50
CA MET B 366 7.06 -6.48 0.17
C MET B 366 7.65 -7.43 -0.88
N LEU B 367 7.39 -7.13 -2.17
CA LEU B 367 7.87 -7.95 -3.28
C LEU B 367 9.21 -7.43 -3.78
N HIS B 368 10.21 -8.31 -3.88
CA HIS B 368 11.51 -7.91 -4.35
C HIS B 368 12.03 -8.79 -5.46
N PRO B 369 11.89 -8.37 -6.72
CA PRO B 369 12.45 -9.16 -7.82
C PRO B 369 13.95 -8.91 -7.85
N PHE B 370 14.73 -9.79 -7.18
CA PHE B 370 16.16 -9.60 -7.11
C PHE B 370 16.87 -9.81 -8.43
N HIS B 371 17.42 -8.72 -8.98
CA HIS B 371 18.13 -8.72 -10.25
C HIS B 371 19.64 -8.62 -10.05
N ILE B 372 20.40 -9.48 -10.76
CA ILE B 372 21.86 -9.49 -10.69
C ILE B 372 22.47 -9.13 -12.05
N HIS B 373 23.36 -8.14 -12.09
CA HIS B 373 23.98 -7.69 -13.34
C HIS B 373 25.03 -8.65 -13.88
N GLY B 374 25.29 -8.56 -15.17
CA GLY B 374 26.32 -9.34 -15.85
C GLY B 374 26.20 -10.85 -15.84
N THR B 375 25.00 -11.39 -15.52
CA THR B 375 24.83 -12.84 -15.48
C THR B 375 23.40 -13.29 -15.85
N GLN B 376 23.28 -14.61 -16.09
CA GLN B 376 22.09 -15.37 -16.33
C GLN B 376 22.33 -16.60 -15.47
N PHE B 377 21.55 -16.76 -14.40
CA PHE B 377 21.73 -17.84 -13.43
C PHE B 377 20.62 -18.92 -13.44
N ARG B 378 20.65 -19.86 -12.49
CA ARG B 378 19.62 -20.87 -12.32
C ARG B 378 19.09 -20.74 -10.89
N ILE B 379 17.79 -20.58 -10.72
CA ILE B 379 17.20 -20.45 -9.39
C ILE B 379 17.20 -21.82 -8.70
N LEU B 380 17.79 -21.92 -7.50
CA LEU B 380 17.82 -23.18 -6.75
C LEU B 380 16.57 -23.24 -5.90
N SER B 381 16.26 -22.15 -5.19
CA SER B 381 15.07 -22.05 -4.38
C SER B 381 14.45 -20.67 -4.56
N GLU B 382 13.17 -20.62 -4.87
CA GLU B 382 12.47 -19.35 -5.03
C GLU B 382 11.48 -19.20 -3.88
N ASN B 383 11.79 -18.31 -2.90
CA ASN B 383 10.96 -18.03 -1.74
C ASN B 383 10.64 -19.30 -0.93
N GLY B 384 11.63 -20.17 -0.79
CA GLY B 384 11.45 -21.41 -0.06
C GLY B 384 11.17 -22.59 -0.97
N LYS B 385 10.07 -22.51 -1.74
CA LYS B 385 9.70 -23.59 -2.66
C LYS B 385 10.68 -23.67 -3.87
N PRO B 386 10.85 -24.83 -4.52
CA PRO B 386 11.70 -24.89 -5.72
C PRO B 386 11.09 -24.04 -6.87
N PRO B 387 11.86 -23.62 -7.88
CA PRO B 387 11.29 -22.77 -8.94
C PRO B 387 10.33 -23.55 -9.84
N ALA B 388 9.30 -22.85 -10.36
CA ALA B 388 8.33 -23.45 -11.27
C ALA B 388 9.03 -23.99 -12.55
N ALA B 389 8.35 -24.82 -13.36
CA ALA B 389 8.95 -25.35 -14.58
C ALA B 389 9.46 -24.24 -15.52
N HIS B 390 8.65 -23.20 -15.73
CA HIS B 390 9.06 -22.09 -16.59
C HIS B 390 10.08 -21.14 -15.91
N ARG B 391 10.19 -21.18 -14.59
CA ARG B 391 11.16 -20.34 -13.86
C ARG B 391 12.46 -21.05 -13.49
N SER B 392 12.69 -22.26 -14.02
CA SER B 392 13.87 -23.06 -13.69
C SER B 392 15.01 -23.02 -14.74
N GLY B 393 14.85 -22.20 -15.76
CA GLY B 393 15.87 -22.08 -16.81
C GLY B 393 16.79 -20.93 -16.53
N TRP B 394 17.12 -20.15 -17.56
CA TRP B 394 18.00 -19.00 -17.40
C TRP B 394 17.25 -17.75 -16.96
N LYS B 395 17.51 -17.31 -15.73
CA LYS B 395 16.86 -16.15 -15.15
C LYS B 395 17.87 -15.13 -14.65
N ASP B 396 17.57 -13.84 -14.75
CA ASP B 396 18.39 -12.78 -14.16
C ASP B 396 17.68 -12.06 -13.01
N THR B 397 16.48 -12.54 -12.65
CA THR B 397 15.58 -12.06 -11.63
C THR B 397 15.09 -13.28 -10.84
N VAL B 398 14.91 -13.12 -9.53
CA VAL B 398 14.41 -14.18 -8.66
C VAL B 398 13.46 -13.53 -7.66
N ARG B 399 12.29 -14.12 -7.41
CA ARG B 399 11.32 -13.55 -6.48
C ARG B 399 11.78 -13.61 -5.01
N VAL B 400 11.78 -12.47 -4.32
CA VAL B 400 12.14 -12.42 -2.91
C VAL B 400 11.02 -11.67 -2.18
N GLU B 401 10.00 -12.38 -1.70
CA GLU B 401 8.84 -11.75 -1.08
C GLU B 401 8.48 -12.42 0.25
N GLY B 402 9.00 -11.89 1.35
CA GLY B 402 8.70 -12.41 2.67
C GLY B 402 9.63 -13.47 3.22
N TRP B 403 10.16 -14.35 2.36
CA TRP B 403 11.09 -15.38 2.80
C TRP B 403 12.46 -15.22 2.07
N ARG B 404 13.28 -16.28 1.96
CA ARG B 404 14.58 -16.20 1.32
C ARG B 404 14.65 -17.05 0.04
N SER B 405 15.37 -16.56 -0.97
CA SER B 405 15.57 -17.22 -2.25
C SER B 405 17.07 -17.48 -2.44
N GLU B 406 17.42 -18.53 -3.16
CA GLU B 406 18.81 -18.90 -3.37
C GLU B 406 19.04 -19.29 -4.82
N VAL B 407 20.09 -18.73 -5.45
CA VAL B 407 20.42 -18.97 -6.86
C VAL B 407 21.88 -19.41 -7.06
N LEU B 408 22.17 -20.07 -8.19
CA LEU B 408 23.51 -20.55 -8.54
C LEU B 408 24.09 -19.68 -9.67
N VAL B 409 24.98 -18.73 -9.29
CA VAL B 409 25.57 -17.78 -10.23
C VAL B 409 27.03 -18.07 -10.61
N LYS B 410 27.43 -17.54 -11.77
CA LYS B 410 28.78 -17.64 -12.30
C LYS B 410 28.97 -16.40 -13.18
N PHE B 411 30.02 -15.64 -12.90
CA PHE B 411 30.29 -14.41 -13.63
C PHE B 411 31.41 -14.64 -14.60
N ASP B 412 31.07 -14.75 -15.88
CA ASP B 412 32.07 -15.01 -16.90
C ASP B 412 32.83 -13.78 -17.38
N HIS B 413 32.49 -12.58 -16.87
CA HIS B 413 33.15 -11.35 -17.32
C HIS B 413 33.62 -10.50 -16.15
N GLU B 414 34.71 -9.77 -16.33
CA GLU B 414 35.26 -8.93 -15.27
C GLU B 414 34.48 -7.62 -15.04
N ALA B 415 34.58 -7.08 -13.82
CA ALA B 415 33.95 -5.81 -13.46
C ALA B 415 34.86 -5.15 -12.46
N PRO B 416 35.59 -4.11 -12.86
CA PRO B 416 36.49 -3.43 -11.91
C PRO B 416 35.77 -2.60 -10.84
N LYS B 417 36.51 -1.99 -9.89
CA LYS B 417 35.89 -1.16 -8.85
C LYS B 417 35.16 0.03 -9.47
N GLU B 418 35.79 0.65 -10.47
CA GLU B 418 35.29 1.83 -11.17
C GLU B 418 33.99 1.54 -11.92
N ARG B 419 33.89 0.34 -12.51
CA ARG B 419 32.72 -0.10 -13.25
C ARG B 419 32.28 -1.47 -12.73
N ALA B 420 31.72 -1.47 -11.53
CA ALA B 420 31.28 -2.69 -10.87
C ALA B 420 29.86 -3.11 -11.23
N TYR B 421 29.56 -4.40 -11.10
CA TYR B 421 28.22 -4.91 -11.34
C TYR B 421 27.29 -4.49 -10.22
N MET B 422 26.01 -4.37 -10.51
CA MET B 422 25.00 -4.06 -9.50
C MET B 422 24.17 -5.33 -9.22
N ALA B 423 23.46 -5.33 -8.11
CA ALA B 423 22.57 -6.41 -7.73
C ALA B 423 21.55 -5.72 -6.86
N HIS B 424 20.28 -5.75 -7.27
CA HIS B 424 19.27 -4.96 -6.57
C HIS B 424 17.85 -5.46 -6.73
N CYS B 425 16.94 -4.85 -6.00
CA CYS B 425 15.52 -5.11 -6.09
C CYS B 425 15.07 -4.38 -7.35
N HIS B 426 14.43 -5.08 -8.30
CA HIS B 426 13.99 -4.43 -9.51
C HIS B 426 12.70 -3.62 -9.34
N LEU B 427 12.24 -3.39 -8.10
CA LEU B 427 11.16 -2.45 -7.85
C LEU B 427 11.97 -1.17 -7.81
N LEU B 428 12.02 -0.48 -8.95
CA LEU B 428 12.87 0.67 -9.18
C LEU B 428 12.97 1.68 -8.03
N GLU B 429 11.86 2.01 -7.37
CA GLU B 429 11.91 2.95 -6.25
C GLU B 429 12.69 2.39 -5.05
N HIS B 430 12.63 1.07 -4.79
CA HIS B 430 13.42 0.46 -3.72
C HIS B 430 14.90 0.59 -4.05
N GLU B 431 15.27 0.28 -5.30
CA GLU B 431 16.62 0.35 -5.80
C GLU B 431 17.15 1.79 -5.68
N ASP B 432 16.34 2.78 -6.08
CA ASP B 432 16.72 4.19 -6.03
C ASP B 432 16.91 4.71 -4.62
N THR B 433 16.12 4.20 -3.68
CA THR B 433 16.18 4.64 -2.30
C THR B 433 17.09 3.76 -1.44
N GLY B 434 18.12 3.18 -2.03
CA GLY B 434 19.09 2.41 -1.26
C GLY B 434 19.20 0.91 -1.46
N MET B 435 18.12 0.22 -1.86
CA MET B 435 18.17 -1.23 -2.03
C MET B 435 18.90 -1.68 -3.29
N MET B 436 20.22 -1.51 -3.31
CA MET B 436 21.11 -1.89 -4.41
C MET B 436 22.50 -2.09 -3.84
N MET B 437 23.26 -3.01 -4.42
CA MET B 437 24.62 -3.28 -3.97
C MET B 437 25.53 -3.47 -5.16
N SER B 438 26.79 -3.04 -5.03
CA SER B 438 27.78 -3.21 -6.10
C SER B 438 28.75 -4.33 -5.75
N PHE B 439 29.38 -4.91 -6.76
CA PHE B 439 30.36 -5.97 -6.55
C PHE B 439 31.27 -6.13 -7.75
N THR B 440 32.50 -6.58 -7.51
CA THR B 440 33.49 -6.74 -8.56
C THR B 440 33.73 -8.21 -8.94
N VAL B 441 34.28 -8.42 -10.14
CA VAL B 441 34.63 -9.74 -10.68
C VAL B 441 36.03 -9.62 -11.30
N SER B 442 36.95 -10.56 -10.98
CA SER B 442 38.31 -10.49 -11.50
C SER B 442 38.94 -11.85 -11.76
#